data_2C2N
#
_entry.id   2C2N
#
_cell.length_a   52.573
_cell.length_b   84.828
_cell.length_c   74.565
_cell.angle_alpha   90.00
_cell.angle_beta   93.43
_cell.angle_gamma   90.00
#
_symmetry.space_group_name_H-M   'P 1 21 1'
#
loop_
_entity.id
_entity.type
_entity.pdbx_description
1 polymer 'MALONYL COA-ACYL CARRIER PROTEIN TRANSACYLASE'
2 non-polymer 'SULFATE ION'
3 non-polymer 3,6,9,12,15-PENTAOXAHEPTADECAN-1-OL
4 non-polymer 1,2-DIMETHOXYETHANE
5 non-polymer 'CHLORIDE ION'
6 non-polymer 2-(2-ETHOXYETHOXY)ETHANOL
7 water water
#
_entity_poly.entity_id   1
_entity_poly.type   'polypeptide(L)'
_entity_poly.pdbx_seq_one_letter_code
;MHHHHHHSSGVDLGTENLYFQSMGQCSVLLFPGQGSQVVGMGRGLLNYPRVRELYAAARRVLGYDLLELSLHGPQETLDR
TVHCQPAIFVASLAAVEKLHHLQPSVIENCVAAAGFSVGEFAALVFAGAMEFAEGLYAVKIRAEAMQEASEAVPSGMLSV
LGQPQSKFNFACLEAREHCKSLGIENPVCEVSNYLFPDCRVISGHQEALRFLQKNSSKFHFRRTRMLPVSGAFHTRLMEP
AVEPLTQALKAVDIKKPLVSVYSNVHGHRYRHPGHIHKLLAQQLVSPVKWEQTMHAIYERKKGRGFPQTFEVGPGRQLGA
ILKSCNMQAWKSYSAVDVL
;
_entity_poly.pdbx_strand_id   A,B
#
loop_
_chem_comp.id
_chem_comp.type
_chem_comp.name
_chem_comp.formula
AE3 non-polymer 2-(2-ETHOXYETHOXY)ETHANOL 'C6 H14 O3'
AE4 non-polymer 3,6,9,12,15-PENTAOXAHEPTADECAN-1-OL 'C12 H26 O6'
CL non-polymer 'CHLORIDE ION' 'Cl -1'
DXE non-polymer 1,2-DIMETHOXYETHANE 'C4 H10 O2'
SO4 non-polymer 'SULFATE ION' 'O4 S -2'
#
# COMPACT_ATOMS: atom_id res chain seq x y z
N MET A 23 0.09 -29.53 19.17
CA MET A 23 1.59 -29.66 19.31
C MET A 23 2.35 -29.32 18.03
N GLY A 24 3.68 -29.29 18.15
CA GLY A 24 4.53 -28.73 17.12
C GLY A 24 4.33 -29.37 15.77
N GLN A 25 4.15 -28.54 14.75
CA GLN A 25 4.23 -29.00 13.36
C GLN A 25 5.48 -28.34 12.73
N CYS A 26 6.15 -29.08 11.85
N CYS A 26 6.17 -29.09 11.87
CA CYS A 26 7.25 -28.52 11.07
CA CYS A 26 7.26 -28.52 11.10
C CYS A 26 6.72 -27.48 10.09
C CYS A 26 6.69 -27.41 10.18
N SER A 27 7.57 -26.54 9.73
CA SER A 27 7.15 -25.48 8.83
C SER A 27 8.09 -25.37 7.64
N VAL A 28 7.54 -24.86 6.57
CA VAL A 28 8.28 -24.56 5.35
C VAL A 28 8.08 -23.08 5.12
N LEU A 29 9.17 -22.36 4.86
CA LEU A 29 9.04 -20.92 4.52
C LEU A 29 9.38 -20.74 3.07
N LEU A 30 8.50 -20.00 2.38
CA LEU A 30 8.68 -19.71 0.94
C LEU A 30 8.84 -18.21 0.78
N PHE A 31 9.86 -17.89 0.00
CA PHE A 31 10.30 -16.52 -0.18
C PHE A 31 10.04 -16.06 -1.61
N PRO A 32 9.19 -15.01 -1.81
CA PRO A 32 8.83 -14.58 -3.18
C PRO A 32 9.95 -13.93 -3.97
N GLY A 33 9.66 -13.79 -5.25
CA GLY A 33 10.57 -13.21 -6.20
C GLY A 33 9.93 -12.06 -6.96
N GLN A 34 10.72 -11.56 -7.91
CA GLN A 34 10.32 -10.44 -8.78
C GLN A 34 8.98 -10.75 -9.38
N GLY A 35 8.04 -9.79 -9.33
CA GLY A 35 6.66 -10.04 -9.65
C GLY A 35 5.74 -9.82 -8.46
N SER A 36 6.26 -10.15 -7.28
CA SER A 36 5.47 -10.04 -6.05
C SER A 36 5.48 -8.66 -5.40
N GLN A 37 6.36 -7.75 -5.85
CA GLN A 37 6.44 -6.44 -5.19
C GLN A 37 5.14 -5.66 -5.44
N VAL A 38 4.83 -4.76 -4.53
CA VAL A 38 3.71 -3.88 -4.73
C VAL A 38 3.94 -2.66 -3.91
N VAL A 39 3.53 -1.50 -4.44
CA VAL A 39 3.62 -0.27 -3.70
C VAL A 39 2.82 -0.39 -2.43
N GLY A 40 3.46 -0.05 -1.31
CA GLY A 40 2.83 -0.19 0.00
C GLY A 40 3.46 -1.32 0.80
N MET A 41 4.27 -2.13 0.15
CA MET A 41 4.86 -3.27 0.83
C MET A 41 5.79 -2.77 1.91
N GLY A 42 5.73 -3.43 3.06
CA GLY A 42 6.46 -2.93 4.22
C GLY A 42 5.63 -2.22 5.27
N ARG A 43 4.49 -1.64 4.90
CA ARG A 43 3.70 -0.87 5.84
C ARG A 43 3.27 -1.71 7.02
N GLY A 44 2.89 -2.95 6.74
CA GLY A 44 2.37 -3.85 7.76
C GLY A 44 3.50 -4.56 8.51
N LEU A 45 4.75 -4.14 8.28
CA LEU A 45 5.89 -4.72 8.95
C LEU A 45 6.62 -3.80 9.92
N LEU A 46 6.42 -2.50 9.74
CA LEU A 46 7.25 -1.50 10.39
C LEU A 46 7.12 -1.50 11.90
N ASN A 47 5.97 -1.94 12.39
CA ASN A 47 5.73 -1.95 13.85
C ASN A 47 6.35 -3.12 14.57
N TYR A 48 6.89 -4.05 13.78
CA TYR A 48 7.47 -5.26 14.35
C TYR A 48 8.95 -5.05 14.70
N PRO A 49 9.37 -5.58 15.86
CA PRO A 49 10.77 -5.33 16.26
C PRO A 49 11.76 -5.74 15.16
N ARG A 50 12.81 -4.94 15.00
CA ARG A 50 13.94 -5.22 14.12
C ARG A 50 13.72 -4.84 12.64
N VAL A 51 12.48 -4.57 12.27
CA VAL A 51 12.15 -4.24 10.87
C VAL A 51 12.73 -2.89 10.44
N ARG A 52 12.55 -1.84 11.23
CA ARG A 52 13.07 -0.52 10.87
C ARG A 52 14.59 -0.52 10.71
N GLU A 53 15.25 -1.26 11.61
CA GLU A 53 16.69 -1.53 11.56
C GLU A 53 17.14 -2.22 10.26
N LEU A 54 16.36 -3.21 9.79
CA LEU A 54 16.65 -3.84 8.50
C LEU A 54 16.60 -2.82 7.36
N TYR A 55 15.54 -2.02 7.32
CA TYR A 55 15.43 -1.03 6.25
C TYR A 55 16.52 0.06 6.34
N ALA A 56 16.93 0.48 7.56
CA ALA A 56 18.04 1.41 7.74
C ALA A 56 19.36 0.82 7.19
N ALA A 57 19.61 -0.45 7.50
CA ALA A 57 20.79 -1.18 7.06
C ALA A 57 20.75 -1.34 5.54
N ALA A 58 19.55 -1.54 4.99
CA ALA A 58 19.42 -1.58 3.53
C ALA A 58 19.82 -0.26 2.86
N ARG A 59 19.42 0.83 3.46
CA ARG A 59 19.63 2.15 2.90
C ARG A 59 21.13 2.40 2.86
N ARG A 60 21.84 1.94 3.89
CA ARG A 60 23.31 1.99 3.90
C ARG A 60 23.98 1.22 2.78
N VAL A 61 23.55 -0.02 2.55
CA VAL A 61 24.09 -0.84 1.47
C VAL A 61 23.76 -0.27 0.11
N LEU A 62 22.55 0.26 -0.03
CA LEU A 62 22.03 0.55 -1.37
C LEU A 62 22.29 1.97 -1.82
N GLY A 63 22.39 2.91 -0.89
CA GLY A 63 22.62 4.29 -1.24
C GLY A 63 21.34 5.06 -1.51
N TYR A 64 20.18 4.43 -1.36
CA TYR A 64 18.92 5.18 -1.52
C TYR A 64 17.89 4.62 -0.56
N ASP A 65 16.78 5.34 -0.41
CA ASP A 65 15.78 5.06 0.61
C ASP A 65 14.83 3.96 0.08
N LEU A 66 15.22 2.72 0.31
CA LEU A 66 14.43 1.60 -0.15
C LEU A 66 13.04 1.60 0.50
N LEU A 67 12.98 1.97 1.78
CA LEU A 67 11.69 1.89 2.46
C LEU A 67 10.70 2.84 1.80
N GLU A 68 11.17 4.03 1.51
CA GLU A 68 10.31 5.06 0.94
C GLU A 68 9.77 4.65 -0.41
N LEU A 69 10.62 4.03 -1.24
CA LEU A 69 10.23 3.59 -2.57
C LEU A 69 9.23 2.43 -2.40
N SER A 70 9.50 1.56 -1.43
CA SER A 70 8.59 0.42 -1.20
C SER A 70 7.20 0.92 -0.77
N LEU A 71 7.16 1.91 0.12
CA LEU A 71 5.89 2.30 0.67
C LEU A 71 5.07 3.16 -0.28
N HIS A 72 5.73 3.99 -1.07
CA HIS A 72 5.00 5.03 -1.76
C HIS A 72 5.22 5.08 -3.27
N GLY A 73 6.18 4.30 -3.77
CA GLY A 73 6.44 4.36 -5.24
C GLY A 73 7.48 5.39 -5.65
N PRO A 74 7.51 5.75 -6.94
CA PRO A 74 6.54 5.40 -7.99
C PRO A 74 6.47 3.94 -8.27
N GLN A 75 5.30 3.53 -8.73
CA GLN A 75 5.05 2.15 -9.03
C GLN A 75 5.98 1.62 -10.11
N GLU A 76 6.16 2.40 -11.20
CA GLU A 76 6.98 1.84 -12.28
C GLU A 76 8.43 1.75 -11.85
N THR A 77 8.84 2.66 -10.97
CA THR A 77 10.21 2.64 -10.45
C THR A 77 10.46 1.42 -9.55
N LEU A 78 9.53 1.15 -8.65
CA LEU A 78 9.62 0.00 -7.79
C LEU A 78 9.62 -1.30 -8.60
N ASP A 79 8.94 -1.31 -9.74
CA ASP A 79 8.85 -2.54 -10.55
C ASP A 79 10.13 -2.78 -11.36
N ARG A 80 10.98 -1.78 -11.50
CA ARG A 80 12.26 -1.96 -12.24
C ARG A 80 13.07 -3.07 -11.57
N THR A 81 13.68 -3.97 -12.36
CA THR A 81 14.42 -5.10 -11.73
CA THR A 81 14.52 -5.04 -11.86
C THR A 81 15.52 -4.57 -10.76
N VAL A 82 16.11 -3.40 -11.02
CA VAL A 82 17.13 -2.88 -10.11
C VAL A 82 16.60 -2.61 -8.70
N HIS A 83 15.31 -2.26 -8.60
CA HIS A 83 14.70 -1.90 -7.31
C HIS A 83 13.83 -3.00 -6.73
N CYS A 84 13.11 -3.75 -7.59
CA CYS A 84 12.18 -4.71 -6.96
C CYS A 84 12.91 -5.87 -6.28
N GLN A 85 14.10 -6.21 -6.79
CA GLN A 85 14.86 -7.35 -6.24
C GLN A 85 15.28 -7.02 -4.78
N PRO A 86 16.02 -5.91 -4.55
CA PRO A 86 16.28 -5.60 -3.12
C PRO A 86 15.02 -5.31 -2.29
N ALA A 87 14.03 -4.68 -2.92
CA ALA A 87 12.78 -4.35 -2.16
C ALA A 87 12.15 -5.63 -1.61
N ILE A 88 12.11 -6.66 -2.48
CA ILE A 88 11.50 -7.96 -2.10
C ILE A 88 12.37 -8.71 -1.06
N PHE A 89 13.70 -8.66 -1.24
CA PHE A 89 14.61 -9.29 -0.32
C PHE A 89 14.42 -8.77 1.09
N VAL A 90 14.40 -7.43 1.19
CA VAL A 90 14.29 -6.79 2.52
C VAL A 90 12.88 -7.00 3.11
N ALA A 91 11.83 -6.89 2.27
CA ALA A 91 10.47 -7.05 2.79
C ALA A 91 10.31 -8.51 3.24
N SER A 92 10.93 -9.47 2.54
CA SER A 92 10.77 -10.85 2.96
C SER A 92 11.42 -11.14 4.29
N LEU A 93 12.66 -10.68 4.45
CA LEU A 93 13.35 -10.82 5.73
C LEU A 93 12.66 -10.06 6.86
N ALA A 94 12.10 -8.87 6.57
CA ALA A 94 11.24 -8.15 7.51
C ALA A 94 10.00 -8.98 7.90
N ALA A 95 9.44 -9.65 6.90
CA ALA A 95 8.28 -10.54 7.10
C ALA A 95 8.65 -11.69 8.04
N VAL A 96 9.90 -12.14 7.94
CA VAL A 96 10.40 -13.16 8.90
C VAL A 96 10.35 -12.63 10.33
N GLU A 97 10.76 -11.38 10.51
CA GLU A 97 10.75 -10.76 11.83
C GLU A 97 9.32 -10.69 12.41
N LYS A 98 8.37 -10.32 11.54
CA LYS A 98 6.99 -10.26 11.95
C LYS A 98 6.49 -11.64 12.38
N LEU A 99 6.78 -12.65 11.58
CA LEU A 99 6.34 -14.01 11.89
C LEU A 99 6.99 -14.49 13.20
N HIS A 100 8.28 -14.19 13.39
CA HIS A 100 8.98 -14.59 14.60
C HIS A 100 8.33 -13.97 15.83
N HIS A 101 7.97 -12.71 15.69
CA HIS A 101 7.25 -12.02 16.78
C HIS A 101 5.89 -12.67 17.12
N LEU A 102 5.10 -12.98 16.10
CA LEU A 102 3.71 -13.46 16.24
C LEU A 102 3.59 -14.96 16.49
N GLN A 103 4.48 -15.73 15.87
CA GLN A 103 4.43 -17.17 15.98
C GLN A 103 5.85 -17.70 16.03
N PRO A 104 6.58 -17.45 17.13
CA PRO A 104 8.00 -17.84 17.14
C PRO A 104 8.24 -19.33 16.92
N SER A 105 7.31 -20.17 17.38
CA SER A 105 7.48 -21.61 17.15
C SER A 105 7.54 -21.97 15.66
N VAL A 106 6.92 -21.18 14.78
CA VAL A 106 6.93 -21.45 13.34
C VAL A 106 8.37 -21.37 12.82
N ILE A 107 9.10 -20.37 13.29
CA ILE A 107 10.50 -20.22 12.87
C ILE A 107 11.39 -21.26 13.52
N GLU A 108 11.15 -21.55 14.81
CA GLU A 108 11.89 -22.59 15.51
C GLU A 108 11.71 -23.98 14.87
N ASN A 109 10.53 -24.24 14.29
CA ASN A 109 10.19 -25.57 13.72
C ASN A 109 10.38 -25.64 12.20
N CYS A 110 11.03 -24.63 11.64
CA CYS A 110 11.27 -24.63 10.20
C CYS A 110 12.17 -25.77 9.77
N VAL A 111 11.71 -26.62 8.84
CA VAL A 111 12.53 -27.74 8.33
C VAL A 111 13.05 -27.50 6.89
N ALA A 112 12.53 -26.47 6.24
CA ALA A 112 12.88 -26.23 4.84
C ALA A 112 12.52 -24.81 4.49
N ALA A 113 13.34 -24.25 3.61
CA ALA A 113 13.05 -22.93 3.03
C ALA A 113 13.34 -23.00 1.54
N ALA A 114 12.59 -22.23 0.76
CA ALA A 114 12.90 -22.14 -0.68
C ALA A 114 12.52 -20.77 -1.13
N GLY A 115 13.27 -20.19 -2.07
CA GLY A 115 12.97 -18.81 -2.54
C GLY A 115 12.91 -18.83 -4.04
N PHE A 116 12.00 -18.07 -4.61
CA PHE A 116 11.82 -18.01 -6.06
C PHE A 116 12.73 -16.96 -6.64
N SER A 117 13.76 -17.43 -7.37
CA SER A 117 14.70 -16.52 -8.08
C SER A 117 15.42 -15.65 -7.07
N VAL A 118 15.14 -14.33 -7.02
CA VAL A 118 15.77 -13.49 -5.99
C VAL A 118 15.45 -13.97 -4.58
N GLY A 119 14.28 -14.61 -4.43
CA GLY A 119 13.90 -15.18 -3.12
C GLY A 119 14.95 -16.12 -2.53
N GLU A 120 15.72 -16.79 -3.39
CA GLU A 120 16.81 -17.68 -2.90
C GLU A 120 17.79 -16.97 -1.95
N PHE A 121 18.04 -15.68 -2.21
CA PHE A 121 18.95 -14.91 -1.38
C PHE A 121 18.40 -14.68 0.01
N ALA A 122 17.09 -14.30 0.09
CA ALA A 122 16.45 -14.12 1.41
C ALA A 122 16.43 -15.50 2.11
N ALA A 123 16.18 -16.58 1.36
CA ALA A 123 16.07 -17.90 2.02
C ALA A 123 17.45 -18.31 2.60
N LEU A 124 18.53 -18.01 1.88
CA LEU A 124 19.88 -18.33 2.35
C LEU A 124 20.26 -17.47 3.55
N VAL A 125 19.83 -16.19 3.55
CA VAL A 125 20.04 -15.35 4.73
C VAL A 125 19.25 -15.87 5.92
N PHE A 126 17.97 -16.19 5.68
CA PHE A 126 17.15 -16.78 6.73
C PHE A 126 17.80 -18.01 7.36
N ALA A 127 18.34 -18.86 6.50
CA ALA A 127 18.96 -20.10 6.92
C ALA A 127 20.35 -19.95 7.55
N GLY A 128 20.86 -18.72 7.62
CA GLY A 128 22.17 -18.46 8.24
C GLY A 128 23.37 -18.69 7.36
N ALA A 129 23.12 -18.90 6.07
CA ALA A 129 24.20 -19.10 5.10
C ALA A 129 24.96 -17.80 4.75
N MET A 130 24.24 -16.68 4.76
CA MET A 130 24.79 -15.37 4.50
C MET A 130 24.25 -14.40 5.53
N GLU A 131 24.98 -13.34 5.80
CA GLU A 131 24.48 -12.24 6.61
C GLU A 131 23.62 -11.31 5.77
N PHE A 132 22.72 -10.60 6.45
CA PHE A 132 21.81 -9.66 5.77
C PHE A 132 22.51 -8.69 4.78
N ALA A 133 23.53 -7.99 5.24
CA ALA A 133 24.17 -6.97 4.40
C ALA A 133 24.92 -7.60 3.25
N GLU A 134 25.54 -8.77 3.49
CA GLU A 134 26.15 -9.59 2.42
C GLU A 134 25.16 -10.02 1.35
N GLY A 135 24.03 -10.59 1.79
CA GLY A 135 23.00 -11.03 0.89
C GLY A 135 22.51 -9.83 0.10
N LEU A 136 22.29 -8.72 0.79
CA LEU A 136 21.70 -7.54 0.11
C LEU A 136 22.67 -6.97 -0.94
N TYR A 137 23.96 -6.92 -0.61
CA TYR A 137 24.95 -6.47 -1.58
C TYR A 137 24.90 -7.35 -2.84
N ALA A 138 24.85 -8.66 -2.65
CA ALA A 138 24.80 -9.61 -3.77
C ALA A 138 23.56 -9.37 -4.60
N VAL A 139 22.42 -9.21 -3.93
CA VAL A 139 21.17 -8.87 -4.63
C VAL A 139 21.25 -7.56 -5.41
N LYS A 140 21.83 -6.53 -4.80
CA LYS A 140 22.00 -5.25 -5.48
C LYS A 140 22.78 -5.44 -6.78
N ILE A 141 23.94 -6.12 -6.68
CA ILE A 141 24.75 -6.39 -7.88
C ILE A 141 24.02 -7.26 -8.92
N ARG A 142 23.37 -8.34 -8.45
CA ARG A 142 22.56 -9.19 -9.30
C ARG A 142 21.57 -8.36 -10.09
N ALA A 143 20.86 -7.49 -9.37
CA ALA A 143 19.78 -6.70 -9.93
C ALA A 143 20.32 -5.67 -10.96
N GLU A 144 21.39 -4.98 -10.59
CA GLU A 144 22.02 -4.02 -11.51
C GLU A 144 22.50 -4.76 -12.77
N ALA A 145 23.11 -5.92 -12.56
CA ALA A 145 23.67 -6.65 -13.70
C ALA A 145 22.59 -7.21 -14.58
N MET A 146 21.49 -7.68 -14.01
CA MET A 146 20.39 -8.18 -14.84
C MET A 146 19.76 -7.04 -15.63
N GLN A 147 19.67 -5.87 -15.01
CA GLN A 147 19.14 -4.68 -15.70
C GLN A 147 20.02 -4.37 -16.90
N GLU A 148 21.33 -4.31 -16.67
CA GLU A 148 22.24 -3.97 -17.78
C GLU A 148 22.17 -5.05 -18.89
N ALA A 149 22.10 -6.33 -18.49
CA ALA A 149 21.98 -7.40 -19.48
C ALA A 149 20.72 -7.27 -20.32
N SER A 150 19.61 -6.90 -19.67
CA SER A 150 18.32 -6.72 -20.34
C SER A 150 18.43 -5.62 -21.42
N GLU A 151 19.26 -4.62 -21.18
CA GLU A 151 19.41 -3.56 -22.20
C GLU A 151 20.14 -3.97 -23.47
N ALA A 152 20.86 -5.09 -23.48
CA ALA A 152 21.71 -5.45 -24.61
C ALA A 152 20.93 -5.82 -25.87
N VAL A 153 19.76 -6.41 -25.67
CA VAL A 153 18.89 -6.84 -26.79
C VAL A 153 17.46 -6.96 -26.23
N PRO A 154 16.43 -6.64 -27.04
CA PRO A 154 15.05 -6.74 -26.54
C PRO A 154 14.61 -8.17 -26.25
N SER A 155 14.34 -8.44 -24.96
CA SER A 155 13.96 -9.78 -24.55
C SER A 155 12.89 -9.70 -23.47
N GLY A 156 12.27 -10.85 -23.16
CA GLY A 156 11.18 -10.80 -22.22
C GLY A 156 10.84 -12.19 -21.71
N MET A 157 9.70 -12.29 -21.01
CA MET A 157 9.27 -13.54 -20.42
C MET A 157 7.78 -13.74 -20.67
N LEU A 158 7.41 -14.93 -21.12
CA LEU A 158 6.02 -15.24 -21.44
C LEU A 158 5.55 -16.39 -20.57
N SER A 159 4.51 -16.15 -19.77
CA SER A 159 3.95 -17.23 -18.98
C SER A 159 3.00 -18.04 -19.85
N VAL A 160 3.16 -19.37 -19.85
CA VAL A 160 2.41 -20.31 -20.72
C VAL A 160 1.71 -21.39 -19.90
N LEU A 161 0.40 -21.48 -20.08
CA LEU A 161 -0.32 -22.65 -19.58
C LEU A 161 -0.52 -23.68 -20.68
N GLY A 162 0.08 -24.85 -20.52
CA GLY A 162 -0.05 -25.91 -21.48
C GLY A 162 -0.88 -27.06 -20.91
N GLN A 163 -0.64 -28.26 -21.44
CA GLN A 163 -1.31 -29.45 -20.99
C GLN A 163 -0.42 -30.62 -21.33
N PRO A 164 -0.76 -31.81 -20.84
CA PRO A 164 0.09 -32.95 -21.15
C PRO A 164 0.62 -32.97 -22.57
N GLN A 165 -0.19 -32.54 -23.54
CA GLN A 165 0.16 -32.66 -24.98
C GLN A 165 0.91 -31.45 -25.53
N SER A 166 1.17 -30.46 -24.68
CA SER A 166 1.89 -29.27 -25.13
C SER A 166 3.27 -29.67 -25.54
N LYS A 167 3.70 -29.07 -26.66
CA LYS A 167 4.98 -29.35 -27.27
C LYS A 167 5.85 -28.12 -26.99
N PHE A 168 6.26 -27.98 -25.73
CA PHE A 168 7.08 -26.87 -25.29
C PHE A 168 8.39 -26.75 -26.04
N ASN A 169 9.08 -27.87 -26.26
CA ASN A 169 10.38 -27.86 -26.95
C ASN A 169 10.26 -27.57 -28.43
N PHE A 170 9.30 -28.21 -29.10
CA PHE A 170 9.05 -27.97 -30.50
C PHE A 170 8.66 -26.51 -30.70
N ALA A 171 7.87 -25.98 -29.77
CA ALA A 171 7.44 -24.57 -29.79
C ALA A 171 8.64 -23.63 -29.70
N CYS A 172 9.55 -23.90 -28.77
CA CYS A 172 10.74 -23.06 -28.63
C CYS A 172 11.63 -23.12 -29.85
N LEU A 173 11.81 -24.32 -30.40
CA LEU A 173 12.61 -24.48 -31.63
C LEU A 173 11.99 -23.72 -32.79
N GLU A 174 10.66 -23.84 -32.98
CA GLU A 174 10.02 -23.09 -34.06
C GLU A 174 10.18 -21.60 -33.87
N ALA A 175 10.11 -21.15 -32.61
CA ALA A 175 10.23 -19.74 -32.32
C ALA A 175 11.67 -19.28 -32.59
N ARG A 176 12.66 -20.08 -32.27
CA ARG A 176 14.05 -19.69 -32.62
C ARG A 176 14.25 -19.65 -34.14
N GLU A 177 13.69 -20.62 -34.84
CA GLU A 177 13.78 -20.69 -36.31
C GLU A 177 13.18 -19.46 -36.94
N HIS A 178 12.00 -19.08 -36.45
CA HIS A 178 11.34 -17.83 -36.81
C HIS A 178 12.26 -16.62 -36.61
N CYS A 179 12.89 -16.52 -35.42
CA CYS A 179 13.81 -15.42 -35.15
C CYS A 179 14.99 -15.36 -36.10
N LYS A 180 15.52 -16.52 -36.50
CA LYS A 180 16.61 -16.50 -37.48
C LYS A 180 16.15 -15.91 -38.80
N SER A 181 14.91 -16.20 -39.16
CA SER A 181 14.38 -15.71 -40.42
CA SER A 181 14.31 -15.70 -40.40
C SER A 181 14.27 -14.18 -40.39
N LEU A 182 14.17 -13.63 -39.19
CA LEU A 182 14.09 -12.20 -38.94
C LEU A 182 15.48 -11.56 -38.78
N GLY A 183 16.54 -12.36 -38.83
CA GLY A 183 17.90 -11.78 -38.72
C GLY A 183 18.49 -11.70 -37.32
N ILE A 184 17.86 -12.39 -36.36
CA ILE A 184 18.42 -12.44 -35.00
C ILE A 184 19.46 -13.53 -34.89
N GLU A 185 20.65 -13.19 -34.34
CA GLU A 185 21.73 -14.17 -34.20
C GLU A 185 21.48 -15.01 -32.95
N ASN A 186 21.62 -16.33 -33.09
CA ASN A 186 21.54 -17.28 -31.96
C ASN A 186 20.34 -16.94 -31.07
N PRO A 187 19.13 -16.94 -31.64
CA PRO A 187 17.98 -16.52 -30.86
C PRO A 187 17.81 -17.39 -29.65
N VAL A 188 17.28 -16.79 -28.60
CA VAL A 188 17.01 -17.48 -27.35
C VAL A 188 15.50 -17.62 -27.23
N CYS A 189 15.03 -18.84 -26.92
CA CYS A 189 13.62 -19.02 -26.56
C CYS A 189 13.63 -20.33 -25.83
N GLU A 190 13.51 -20.28 -24.51
CA GLU A 190 13.65 -21.51 -23.72
C GLU A 190 12.85 -21.38 -22.45
N VAL A 191 12.46 -22.52 -21.91
CA VAL A 191 11.85 -22.51 -20.57
C VAL A 191 12.77 -21.83 -19.55
N SER A 192 12.22 -20.88 -18.83
CA SER A 192 12.97 -20.18 -17.82
C SER A 192 12.43 -20.41 -16.40
N ASN A 193 11.18 -20.87 -16.31
CA ASN A 193 10.60 -21.19 -14.98
C ASN A 193 9.67 -22.35 -15.16
N TYR A 194 9.79 -23.34 -14.27
CA TYR A 194 8.79 -24.39 -14.23
C TYR A 194 7.92 -24.07 -13.04
N LEU A 195 6.65 -23.74 -13.28
CA LEU A 195 5.82 -23.25 -12.15
C LEU A 195 5.01 -24.31 -11.46
N PHE A 196 4.24 -25.03 -12.27
CA PHE A 196 3.33 -26.06 -11.79
C PHE A 196 2.99 -26.96 -12.96
N PRO A 197 2.30 -28.09 -12.71
CA PRO A 197 2.07 -29.01 -13.83
C PRO A 197 1.59 -28.35 -15.13
N ASP A 198 2.39 -28.53 -16.17
CA ASP A 198 2.08 -28.10 -17.55
C ASP A 198 2.07 -26.59 -17.68
N CYS A 199 2.62 -25.88 -16.68
CA CYS A 199 2.69 -24.43 -16.71
C CYS A 199 4.15 -23.94 -16.59
N ARG A 200 4.62 -23.23 -17.60
CA ARG A 200 6.04 -22.84 -17.66
C ARG A 200 6.11 -21.39 -18.03
N VAL A 201 7.18 -20.70 -17.71
CA VAL A 201 7.51 -19.42 -18.34
C VAL A 201 8.56 -19.69 -19.40
N ILE A 202 8.36 -19.10 -20.57
CA ILE A 202 9.30 -19.26 -21.69
C ILE A 202 9.85 -17.88 -21.91
N SER A 203 11.18 -17.78 -22.02
CA SER A 203 11.76 -16.45 -22.12
C SER A 203 12.77 -16.41 -23.24
N GLY A 204 13.01 -15.21 -23.74
CA GLY A 204 14.01 -15.05 -24.80
C GLY A 204 13.82 -13.77 -25.58
N HIS A 205 14.31 -13.79 -26.81
CA HIS A 205 14.13 -12.61 -27.64
C HIS A 205 12.66 -12.26 -27.79
N GLN A 206 12.37 -10.96 -27.82
CA GLN A 206 10.97 -10.50 -27.86
C GLN A 206 10.19 -11.10 -29.05
N GLU A 207 10.86 -11.22 -30.20
CA GLU A 207 10.22 -11.73 -31.42
C GLU A 207 9.81 -13.21 -31.27
N ALA A 208 10.62 -13.97 -30.53
CA ALA A 208 10.28 -15.38 -30.28
C ALA A 208 9.00 -15.47 -29.48
N LEU A 209 8.87 -14.59 -28.49
CA LEU A 209 7.69 -14.60 -27.63
C LEU A 209 6.43 -14.16 -28.35
N ARG A 210 6.57 -13.14 -29.19
CA ARG A 210 5.45 -12.73 -30.04
C ARG A 210 5.01 -13.90 -30.93
N PHE A 211 5.99 -14.63 -31.48
CA PHE A 211 5.69 -15.78 -32.32
C PHE A 211 4.92 -16.84 -31.52
N LEU A 212 5.33 -17.05 -30.29
CA LEU A 212 4.63 -18.02 -29.45
C LEU A 212 3.20 -17.66 -29.12
N GLN A 213 2.95 -16.38 -28.85
CA GLN A 213 1.59 -15.92 -28.55
C GLN A 213 0.69 -16.13 -29.76
N LYS A 214 1.22 -15.82 -30.95
CA LYS A 214 0.44 -15.94 -32.18
C LYS A 214 0.15 -17.40 -32.54
N ASN A 215 1.08 -18.29 -32.21
CA ASN A 215 0.97 -19.69 -32.59
C ASN A 215 0.62 -20.60 -31.42
N SER A 216 0.09 -20.01 -30.35
CA SER A 216 -0.12 -20.73 -29.08
C SER A 216 -0.88 -22.06 -29.29
N SER A 217 -2.01 -21.98 -30.00
CA SER A 217 -2.83 -23.16 -30.20
C SER A 217 -2.17 -24.21 -31.09
N LYS A 218 -1.21 -23.79 -31.93
CA LYS A 218 -0.41 -24.72 -32.74
C LYS A 218 0.36 -25.76 -31.90
N PHE A 219 0.79 -25.32 -30.73
CA PHE A 219 1.63 -26.13 -29.87
C PHE A 219 0.81 -26.64 -28.71
N HIS A 220 -0.52 -26.57 -28.85
CA HIS A 220 -1.46 -27.08 -27.85
C HIS A 220 -1.25 -26.37 -26.50
N PHE A 221 -0.88 -25.08 -26.58
CA PHE A 221 -0.86 -24.23 -25.40
C PHE A 221 -2.28 -23.85 -25.13
N ARG A 222 -2.62 -23.84 -23.86
CA ARG A 222 -3.97 -23.47 -23.49
C ARG A 222 -4.05 -21.96 -23.41
N ARG A 223 -3.01 -21.30 -22.90
CA ARG A 223 -3.09 -19.84 -22.63
C ARG A 223 -1.70 -19.23 -22.39
N THR A 224 -1.47 -17.99 -22.84
CA THR A 224 -0.16 -17.33 -22.66
C THR A 224 -0.39 -15.91 -22.17
N ARG A 225 0.56 -15.39 -21.40
CA ARG A 225 0.61 -14.01 -20.91
C ARG A 225 2.04 -13.43 -20.79
N MET A 226 2.30 -12.33 -21.50
CA MET A 226 3.57 -11.61 -21.42
C MET A 226 3.75 -11.04 -20.00
N LEU A 227 4.91 -11.28 -19.39
CA LEU A 227 5.17 -10.74 -18.05
C LEU A 227 5.76 -9.34 -18.11
N PRO A 228 5.44 -8.48 -17.10
CA PRO A 228 5.95 -7.10 -17.10
C PRO A 228 7.38 -6.95 -16.57
N VAL A 229 8.33 -7.63 -17.23
CA VAL A 229 9.73 -7.58 -16.87
C VAL A 229 10.61 -7.13 -18.04
N SER A 230 11.79 -6.66 -17.69
CA SER A 230 12.66 -5.92 -18.60
C SER A 230 13.48 -6.84 -19.54
N GLY A 231 13.59 -8.13 -19.20
CA GLY A 231 14.52 -8.99 -19.92
C GLY A 231 14.14 -10.47 -19.76
N ALA A 232 14.89 -11.31 -20.47
CA ALA A 232 14.66 -12.77 -20.44
C ALA A 232 15.49 -13.39 -19.30
N PHE A 233 14.97 -13.18 -18.11
CA PHE A 233 15.65 -13.69 -16.93
C PHE A 233 15.73 -15.24 -17.00
N HIS A 234 16.72 -15.79 -16.31
CA HIS A 234 16.88 -17.25 -16.27
C HIS A 234 17.06 -17.91 -17.61
N THR A 235 17.74 -17.19 -18.49
CA THR A 235 18.20 -17.77 -19.76
C THR A 235 19.61 -17.27 -19.99
N ARG A 236 20.23 -17.76 -21.06
CA ARG A 236 21.60 -17.34 -21.45
CA ARG A 236 21.60 -17.34 -21.40
C ARG A 236 21.70 -15.85 -21.77
N LEU A 237 20.57 -15.19 -22.01
CA LEU A 237 20.63 -13.73 -22.20
C LEU A 237 21.08 -13.00 -20.92
N MET A 238 21.08 -13.69 -19.76
CA MET A 238 21.60 -13.08 -18.52
C MET A 238 23.10 -13.39 -18.33
N GLU A 239 23.70 -14.04 -19.32
CA GLU A 239 25.15 -14.34 -19.23
C GLU A 239 26.02 -13.13 -18.87
N PRO A 240 25.74 -11.93 -19.43
CA PRO A 240 26.56 -10.76 -19.00
C PRO A 240 26.52 -10.43 -17.49
N ALA A 241 25.50 -10.92 -16.81
CA ALA A 241 25.35 -10.68 -15.36
C ALA A 241 26.17 -11.67 -14.48
N VAL A 242 26.64 -12.76 -15.09
CA VAL A 242 27.25 -13.86 -14.30
C VAL A 242 28.57 -13.38 -13.66
N GLU A 243 29.45 -12.78 -14.47
CA GLU A 243 30.72 -12.34 -13.90
C GLU A 243 30.55 -11.28 -12.81
N PRO A 244 29.71 -10.22 -13.02
CA PRO A 244 29.47 -9.31 -11.89
C PRO A 244 28.89 -9.98 -10.64
N LEU A 245 27.90 -10.86 -10.78
CA LEU A 245 27.40 -11.55 -9.60
C LEU A 245 28.50 -12.43 -8.94
N THR A 246 29.26 -13.13 -9.78
CA THR A 246 30.33 -14.00 -9.32
C THR A 246 31.32 -13.18 -8.47
N GLN A 247 31.68 -12.01 -8.96
CA GLN A 247 32.63 -11.15 -8.24
C GLN A 247 32.05 -10.68 -6.90
N ALA A 248 30.77 -10.34 -6.91
CA ALA A 248 30.11 -9.90 -5.71
C ALA A 248 30.08 -11.02 -4.69
N LEU A 249 29.82 -12.26 -5.12
CA LEU A 249 29.73 -13.37 -4.17
C LEU A 249 31.12 -13.73 -3.61
N LYS A 250 32.20 -13.38 -4.34
CA LYS A 250 33.57 -13.61 -3.87
C LYS A 250 33.87 -12.92 -2.54
N ALA A 251 33.19 -11.79 -2.32
CA ALA A 251 33.30 -10.98 -1.13
C ALA A 251 32.42 -11.52 0.01
N VAL A 252 31.69 -12.61 -0.24
CA VAL A 252 30.77 -13.15 0.76
C VAL A 252 31.28 -14.46 1.33
N ASP A 253 31.15 -14.63 2.64
CA ASP A 253 31.53 -15.88 3.29
C ASP A 253 30.29 -16.75 3.49
N ILE A 254 30.02 -17.64 2.54
CA ILE A 254 28.83 -18.47 2.61
C ILE A 254 29.07 -19.65 3.53
N LYS A 255 28.18 -19.78 4.51
CA LYS A 255 28.22 -20.84 5.48
C LYS A 255 27.18 -21.91 5.17
N LYS A 256 27.33 -23.07 5.79
CA LYS A 256 26.32 -24.13 5.62
C LYS A 256 24.93 -23.65 6.08
N PRO A 257 23.89 -23.80 5.24
CA PRO A 257 22.54 -23.43 5.72
C PRO A 257 22.13 -24.25 6.95
N LEU A 258 21.54 -23.57 7.94
CA LEU A 258 21.13 -24.23 9.17
C LEU A 258 19.76 -24.91 9.09
N VAL A 259 19.03 -24.64 8.02
CA VAL A 259 17.79 -25.32 7.72
C VAL A 259 17.98 -25.70 6.26
N SER A 260 17.29 -26.73 5.80
CA SER A 260 17.43 -27.21 4.41
C SER A 260 16.95 -26.09 3.51
N VAL A 261 17.75 -25.74 2.52
CA VAL A 261 17.35 -24.72 1.54
C VAL A 261 17.42 -25.38 0.15
N TYR A 262 16.28 -25.32 -0.56
CA TYR A 262 16.21 -25.98 -1.87
C TYR A 262 16.51 -24.99 -2.96
N SER A 263 17.45 -25.37 -3.82
CA SER A 263 17.92 -24.48 -4.89
C SER A 263 17.00 -24.47 -6.11
N ASN A 264 16.82 -23.30 -6.73
CA ASN A 264 16.11 -23.20 -8.02
C ASN A 264 16.81 -23.95 -9.13
N VAL A 265 18.12 -24.16 -8.97
CA VAL A 265 18.90 -24.69 -10.06
C VAL A 265 18.44 -26.16 -10.39
N HIS A 266 18.19 -26.98 -9.36
CA HIS A 266 17.88 -28.42 -9.56
C HIS A 266 16.76 -28.93 -8.67
N GLY A 267 16.22 -28.07 -7.81
CA GLY A 267 15.13 -28.54 -6.92
C GLY A 267 15.60 -29.47 -5.83
N HIS A 268 16.93 -29.50 -5.60
CA HIS A 268 17.54 -30.26 -4.49
C HIS A 268 18.11 -29.30 -3.44
N ARG A 269 18.35 -29.84 -2.27
CA ARG A 269 18.90 -29.07 -1.18
C ARG A 269 20.36 -28.72 -1.42
N TYR A 270 20.71 -27.47 -1.11
CA TYR A 270 22.16 -27.14 -1.00
C TYR A 270 22.82 -28.08 -0.01
N ARG A 271 24.03 -28.50 -0.38
CA ARG A 271 24.83 -29.44 0.37
C ARG A 271 26.15 -28.78 0.79
N HIS A 272 27.26 -28.98 0.07
CA HIS A 272 28.53 -28.37 0.50
C HIS A 272 28.44 -26.88 0.30
N PRO A 273 28.68 -26.08 1.38
CA PRO A 273 28.56 -24.61 1.21
C PRO A 273 29.56 -24.03 0.21
N GLY A 274 30.72 -24.68 0.05
CA GLY A 274 31.68 -24.24 -0.95
C GLY A 274 31.16 -24.32 -2.38
N HIS A 275 30.01 -24.94 -2.57
CA HIS A 275 29.39 -25.07 -3.92
C HIS A 275 28.32 -24.01 -4.15
N ILE A 276 27.89 -23.36 -3.08
CA ILE A 276 26.73 -22.47 -3.17
C ILE A 276 26.98 -21.28 -4.08
N HIS A 277 28.15 -20.67 -3.98
CA HIS A 277 28.44 -19.49 -4.78
C HIS A 277 28.35 -19.85 -6.27
N LYS A 278 28.79 -21.07 -6.64
CA LYS A 278 28.74 -21.45 -8.06
C LYS A 278 27.31 -21.67 -8.51
N LEU A 279 26.53 -22.29 -7.62
CA LEU A 279 25.12 -22.51 -7.92
C LEU A 279 24.35 -21.19 -8.09
N LEU A 280 24.64 -20.16 -7.27
CA LEU A 280 23.93 -18.84 -7.38
C LEU A 280 24.28 -18.17 -8.71
N ALA A 281 25.53 -18.39 -9.18
CA ALA A 281 25.91 -17.80 -10.48
C ALA A 281 25.25 -18.60 -11.60
N GLN A 282 25.10 -19.91 -11.43
N GLN A 282 25.12 -19.91 -11.41
CA GLN A 282 24.43 -20.74 -12.45
CA GLN A 282 24.45 -20.79 -12.36
C GLN A 282 22.90 -20.47 -12.43
C GLN A 282 22.95 -20.39 -12.43
N GLN A 283 22.37 -20.17 -11.26
CA GLN A 283 20.91 -19.89 -11.12
C GLN A 283 20.49 -18.76 -12.07
N LEU A 284 21.36 -17.76 -12.21
CA LEU A 284 21.07 -16.57 -13.02
C LEU A 284 20.67 -16.91 -14.48
N VAL A 285 21.30 -17.94 -15.06
CA VAL A 285 21.14 -18.26 -16.47
C VAL A 285 20.39 -19.57 -16.68
N SER A 286 19.94 -20.21 -15.59
CA SER A 286 19.32 -21.53 -15.62
C SER A 286 17.83 -21.45 -15.24
N PRO A 287 16.99 -22.34 -15.78
CA PRO A 287 15.56 -22.24 -15.43
C PRO A 287 15.31 -22.45 -13.94
N VAL A 288 14.29 -21.76 -13.44
CA VAL A 288 13.90 -21.87 -12.03
C VAL A 288 13.06 -23.15 -11.94
N LYS A 289 13.59 -24.17 -11.26
CA LYS A 289 12.92 -25.44 -11.15
C LYS A 289 11.99 -25.44 -9.92
N TRP A 290 10.94 -24.65 -10.03
CA TRP A 290 10.10 -24.41 -8.84
C TRP A 290 9.11 -25.55 -8.64
N GLU A 291 8.42 -25.95 -9.70
CA GLU A 291 7.57 -27.17 -9.63
C GLU A 291 8.29 -28.38 -9.04
N GLN A 292 9.52 -28.60 -9.53
CA GLN A 292 10.40 -29.66 -8.98
C GLN A 292 10.67 -29.50 -7.46
N THR A 293 10.91 -28.26 -7.05
CA THR A 293 11.17 -27.92 -5.64
C THR A 293 9.92 -28.16 -4.80
N MET A 294 8.74 -27.82 -5.33
CA MET A 294 7.49 -28.10 -4.56
C MET A 294 7.31 -29.61 -4.44
N HIS A 295 7.67 -30.34 -5.48
CA HIS A 295 7.53 -31.79 -5.39
C HIS A 295 8.45 -32.35 -4.29
N ALA A 296 9.67 -31.84 -4.23
CA ALA A 296 10.68 -32.34 -3.26
C ALA A 296 10.28 -31.98 -1.85
N ILE A 297 9.89 -30.72 -1.62
CA ILE A 297 9.68 -30.24 -0.25
C ILE A 297 8.47 -30.97 0.39
N TYR A 298 7.45 -31.23 -0.40
CA TYR A 298 6.19 -31.75 0.14
C TYR A 298 6.07 -33.27 0.19
N GLU A 299 7.14 -33.97 -0.20
CA GLU A 299 7.26 -35.41 0.11
C GLU A 299 7.30 -35.63 1.64
N ARG A 300 6.47 -36.51 2.18
CA ARG A 300 6.63 -36.77 3.61
C ARG A 300 6.91 -38.24 3.87
N LYS A 301 7.67 -38.47 4.95
CA LYS A 301 8.04 -39.79 5.39
C LYS A 301 6.76 -40.51 5.82
N LYS A 302 6.85 -41.83 5.93
CA LYS A 302 5.67 -42.66 6.18
C LYS A 302 4.97 -42.26 7.48
N GLY A 303 3.69 -41.90 7.37
CA GLY A 303 2.84 -41.54 8.52
C GLY A 303 3.07 -40.14 9.08
N ARG A 304 4.09 -39.46 8.57
CA ARG A 304 4.39 -38.12 9.03
C ARG A 304 3.50 -37.06 8.41
N GLY A 305 3.41 -35.97 9.13
CA GLY A 305 2.42 -34.95 8.90
C GLY A 305 2.79 -34.01 7.79
N PHE A 306 1.82 -33.20 7.41
CA PHE A 306 2.09 -32.10 6.51
C PHE A 306 2.66 -30.88 7.22
N PRO A 307 3.74 -30.31 6.67
CA PRO A 307 4.22 -29.08 7.32
C PRO A 307 3.24 -27.94 7.10
N GLN A 308 3.32 -26.91 7.94
CA GLN A 308 2.64 -25.65 7.70
C GLN A 308 3.51 -24.83 6.76
N THR A 309 2.92 -24.21 5.75
CA THR A 309 3.69 -23.38 4.83
C THR A 309 3.39 -21.91 5.11
N PHE A 310 4.46 -21.12 5.14
CA PHE A 310 4.32 -19.67 5.26
C PHE A 310 5.03 -18.99 4.10
N GLU A 311 4.28 -18.16 3.37
CA GLU A 311 4.88 -17.30 2.35
C GLU A 311 5.33 -16.00 3.08
N VAL A 312 6.64 -15.77 3.18
CA VAL A 312 7.20 -14.68 4.00
C VAL A 312 7.71 -13.59 3.04
N GLY A 313 6.83 -12.66 2.78
CA GLY A 313 7.12 -11.65 1.78
C GLY A 313 5.84 -11.14 1.17
N PRO A 314 5.98 -10.22 0.19
CA PRO A 314 4.82 -9.57 -0.44
C PRO A 314 4.03 -10.54 -1.31
N GLY A 315 2.72 -10.37 -1.32
CA GLY A 315 1.86 -11.14 -2.18
C GLY A 315 1.59 -12.53 -1.66
N ARG A 316 0.73 -13.22 -2.40
CA ARG A 316 0.42 -14.63 -2.11
C ARG A 316 0.68 -15.49 -3.35
N GLN A 317 1.65 -15.06 -4.20
CA GLN A 317 1.79 -15.74 -5.50
C GLN A 317 2.32 -17.13 -5.34
N LEU A 318 3.21 -17.32 -4.37
CA LEU A 318 3.70 -18.67 -4.14
C LEU A 318 2.61 -19.56 -3.55
N GLY A 319 1.66 -19.01 -2.80
CA GLY A 319 0.51 -19.82 -2.38
C GLY A 319 -0.34 -20.27 -3.55
N ALA A 320 -0.55 -19.40 -4.54
CA ALA A 320 -1.33 -19.78 -5.71
C ALA A 320 -0.64 -20.91 -6.50
N ILE A 321 0.69 -20.83 -6.60
CA ILE A 321 1.43 -21.86 -7.28
C ILE A 321 1.38 -23.17 -6.47
N LEU A 322 1.49 -23.07 -5.14
CA LEU A 322 1.49 -24.26 -4.30
C LEU A 322 0.12 -25.02 -4.50
N LYS A 323 -0.98 -24.26 -4.62
CA LYS A 323 -2.29 -24.82 -4.73
C LYS A 323 -2.33 -25.63 -6.02
N SER A 324 -1.69 -25.10 -7.08
CA SER A 324 -1.65 -25.81 -8.33
C SER A 324 -0.72 -27.02 -8.32
N CYS A 325 0.29 -27.02 -7.45
CA CYS A 325 1.19 -28.18 -7.33
C CYS A 325 0.71 -29.23 -6.36
N ASN A 326 0.13 -28.80 -5.24
CA ASN A 326 -0.20 -29.74 -4.17
C ASN A 326 -1.31 -29.16 -3.35
N MET A 327 -2.52 -29.47 -3.75
CA MET A 327 -3.70 -28.94 -3.09
C MET A 327 -3.69 -29.31 -1.59
N GLN A 328 -3.29 -30.55 -1.27
CA GLN A 328 -3.29 -30.95 0.14
C GLN A 328 -2.31 -30.12 0.98
N ALA A 329 -1.05 -29.99 0.53
CA ALA A 329 -0.13 -29.09 1.23
C ALA A 329 -0.72 -27.70 1.37
N TRP A 330 -1.42 -27.23 0.34
CA TRP A 330 -1.93 -25.87 0.37
C TRP A 330 -2.93 -25.61 1.52
N LYS A 331 -3.58 -26.67 2.00
CA LYS A 331 -4.52 -26.53 3.11
C LYS A 331 -3.91 -25.97 4.38
N SER A 332 -2.57 -26.06 4.51
CA SER A 332 -1.92 -25.51 5.71
C SER A 332 -1.01 -24.35 5.29
N TYR A 333 -1.32 -23.71 4.17
CA TYR A 333 -0.59 -22.53 3.73
C TYR A 333 -1.16 -21.26 4.36
N SER A 334 -0.27 -20.35 4.76
CA SER A 334 -0.66 -18.97 5.12
C SER A 334 0.39 -18.01 4.59
N ALA A 335 0.02 -16.73 4.49
CA ALA A 335 1.00 -15.73 4.05
C ALA A 335 1.16 -14.71 5.16
N VAL A 336 2.36 -14.12 5.30
CA VAL A 336 2.59 -13.04 6.22
C VAL A 336 2.21 -11.79 5.43
N ASP A 337 1.27 -11.02 5.99
CA ASP A 337 0.79 -9.82 5.28
C ASP A 337 1.86 -8.72 5.46
N VAL A 338 2.33 -8.15 4.36
CA VAL A 338 3.31 -7.07 4.49
C VAL A 338 2.68 -5.68 4.32
N LEU A 339 1.38 -5.63 4.03
CA LEU A 339 0.65 -4.39 3.76
C LEU A 339 -0.07 -3.88 5.01
N CYS B 26 -7.09 40.66 9.88
CA CYS B 26 -8.06 39.54 9.72
C CYS B 26 -7.48 38.14 10.00
N SER B 27 -8.37 37.20 10.34
CA SER B 27 -7.98 35.82 10.60
C SER B 27 -8.93 34.86 9.92
N VAL B 28 -8.39 33.67 9.63
CA VAL B 28 -9.10 32.57 9.04
C VAL B 28 -8.93 31.42 10.04
N LEU B 29 -10.03 30.82 10.47
CA LEU B 29 -9.98 29.67 11.36
C LEU B 29 -10.22 28.39 10.60
N LEU B 30 -9.28 27.46 10.71
CA LEU B 30 -9.36 26.21 10.02
C LEU B 30 -9.56 25.10 11.01
N PHE B 31 -10.53 24.22 10.74
CA PHE B 31 -10.92 23.16 11.67
C PHE B 31 -10.61 21.78 11.09
N PRO B 32 -9.76 21.01 11.80
CA PRO B 32 -9.30 19.77 11.18
C PRO B 32 -10.38 18.68 11.18
N GLY B 33 -10.08 17.61 10.47
CA GLY B 33 -10.98 16.48 10.37
C GLY B 33 -10.32 15.19 10.82
N GLN B 34 -11.02 14.08 10.56
CA GLN B 34 -10.62 12.71 10.86
C GLN B 34 -9.23 12.42 10.29
N GLY B 35 -8.39 11.86 11.16
CA GLY B 35 -6.99 11.66 10.86
C GLY B 35 -6.09 12.46 11.75
N SER B 36 -6.63 13.56 12.32
CA SER B 36 -5.88 14.49 13.16
CA SER B 36 -5.87 14.48 13.15
C SER B 36 -5.91 14.12 14.63
N GLN B 37 -6.76 13.16 15.01
CA GLN B 37 -6.88 12.80 16.43
C GLN B 37 -5.58 12.22 16.95
N VAL B 38 -5.32 12.43 18.23
CA VAL B 38 -4.06 11.99 18.85
C VAL B 38 -4.31 11.85 20.35
N VAL B 39 -3.86 10.75 20.91
CA VAL B 39 -3.98 10.53 22.36
C VAL B 39 -3.30 11.67 23.14
N GLY B 40 -4.03 12.24 24.08
CA GLY B 40 -3.52 13.40 24.80
C GLY B 40 -4.19 14.67 24.35
N MET B 41 -4.90 14.64 23.19
CA MET B 41 -5.69 15.80 22.74
C MET B 41 -6.63 16.28 23.86
N GLY B 42 -6.52 17.56 24.19
CA GLY B 42 -7.31 18.16 25.25
C GLY B 42 -6.45 18.56 26.44
N ARG B 43 -5.29 17.93 26.58
CA ARG B 43 -4.40 18.18 27.74
C ARG B 43 -3.90 19.61 27.75
N GLY B 44 -3.71 20.15 26.55
CA GLY B 44 -3.28 21.52 26.35
C GLY B 44 -4.39 22.55 26.46
N LEU B 45 -5.61 22.07 26.71
CA LEU B 45 -6.84 22.87 26.68
C LEU B 45 -7.57 22.97 28.03
N LEU B 46 -7.43 21.93 28.86
CA LEU B 46 -8.23 21.80 30.09
C LEU B 46 -8.18 22.95 31.06
N ASN B 47 -7.11 23.72 31.01
CA ASN B 47 -6.94 24.87 31.91
C ASN B 47 -7.56 26.17 31.47
N TYR B 48 -8.13 26.17 30.27
CA TYR B 48 -8.78 27.37 29.77
C TYR B 48 -10.26 27.33 30.13
N PRO B 49 -10.84 28.48 30.52
CA PRO B 49 -12.25 28.43 30.92
C PRO B 49 -13.22 27.99 29.80
N ARG B 50 -14.30 27.36 30.24
CA ARG B 50 -15.35 26.77 29.40
C ARG B 50 -14.99 25.38 28.86
N VAL B 51 -13.71 24.99 28.95
CA VAL B 51 -13.26 23.74 28.32
C VAL B 51 -13.78 22.47 29.07
N ARG B 52 -13.67 22.41 30.38
CA ARG B 52 -14.20 21.25 31.11
C ARG B 52 -15.70 21.14 30.92
N GLU B 53 -16.37 22.29 30.94
CA GLU B 53 -17.80 22.36 30.69
C GLU B 53 -18.16 21.77 29.34
N LEU B 54 -17.38 22.13 28.31
CA LEU B 54 -17.56 21.54 26.98
C LEU B 54 -17.52 20.01 27.00
N TYR B 55 -16.44 19.47 27.59
CA TYR B 55 -16.27 18.03 27.67
C TYR B 55 -17.36 17.36 28.51
N ALA B 56 -17.78 18.01 29.60
CA ALA B 56 -18.90 17.52 30.40
C ALA B 56 -20.21 17.52 29.60
N ALA B 57 -20.43 18.57 28.80
CA ALA B 57 -21.61 18.65 27.97
C ALA B 57 -21.54 17.54 26.91
N ALA B 58 -20.35 17.31 26.37
CA ALA B 58 -20.17 16.27 25.34
C ALA B 58 -20.47 14.91 25.95
N ARG B 59 -20.03 14.72 27.20
CA ARG B 59 -20.25 13.45 27.87
C ARG B 59 -21.75 13.14 27.96
N ARG B 60 -22.56 14.17 28.20
CA ARG B 60 -24.00 13.98 28.31
C ARG B 60 -24.67 13.66 26.96
N VAL B 61 -24.22 14.34 25.91
CA VAL B 61 -24.69 14.06 24.58
C VAL B 61 -24.28 12.63 24.15
N LEU B 62 -23.04 12.25 24.41
CA LEU B 62 -22.46 11.00 23.85
C LEU B 62 -22.75 9.72 24.66
N GLY B 63 -22.82 9.85 25.98
CA GLY B 63 -23.09 8.68 26.82
C GLY B 63 -21.83 7.99 27.28
N TYR B 64 -20.67 8.59 27.00
CA TYR B 64 -19.41 8.12 27.52
C TYR B 64 -18.43 9.27 27.77
N ASP B 65 -17.40 8.97 28.55
CA ASP B 65 -16.41 9.96 28.94
C ASP B 65 -15.46 10.23 27.76
N LEU B 66 -15.85 11.16 26.89
CA LEU B 66 -15.03 11.54 25.73
C LEU B 66 -13.67 12.12 26.14
N LEU B 67 -13.65 12.92 27.21
CA LEU B 67 -12.40 13.49 27.71
C LEU B 67 -11.40 12.42 28.10
N GLU B 68 -11.83 11.44 28.89
CA GLU B 68 -10.93 10.36 29.29
C GLU B 68 -10.34 9.66 28.07
N LEU B 69 -11.18 9.44 27.05
CA LEU B 69 -10.73 8.75 25.87
C LEU B 69 -9.72 9.61 25.08
N SER B 70 -10.03 10.90 24.94
CA SER B 70 -9.13 11.83 24.26
C SER B 70 -7.76 11.88 24.94
N LEU B 71 -7.75 11.89 26.27
CA LEU B 71 -6.52 12.08 27.03
C LEU B 71 -5.68 10.83 27.10
N HIS B 72 -6.35 9.69 27.22
CA HIS B 72 -5.66 8.45 27.57
C HIS B 72 -5.86 7.32 26.60
N GLY B 73 -6.75 7.50 25.63
CA GLY B 73 -6.94 6.45 24.64
C GLY B 73 -7.67 5.21 25.16
N PRO B 74 -7.28 4.03 24.67
CA PRO B 74 -6.13 3.71 23.81
C PRO B 74 -6.24 4.33 22.40
N GLN B 75 -5.10 4.49 21.72
CA GLN B 75 -5.09 5.07 20.37
C GLN B 75 -6.01 4.31 19.40
N GLU B 76 -6.00 2.97 19.45
CA GLU B 76 -6.88 2.16 18.60
C GLU B 76 -8.38 2.54 18.77
N THR B 77 -8.80 2.80 20.01
CA THR B 77 -10.21 3.15 20.28
C THR B 77 -10.50 4.56 19.78
N LEU B 78 -9.59 5.47 20.05
CA LEU B 78 -9.77 6.88 19.67
C LEU B 78 -9.77 7.06 18.14
N ASP B 79 -9.06 6.18 17.43
CA ASP B 79 -8.94 6.24 15.99
C ASP B 79 -10.19 5.72 15.31
N ARG B 80 -11.03 4.97 16.04
CA ARG B 80 -12.30 4.47 15.48
C ARG B 80 -13.14 5.66 15.00
N THR B 81 -13.71 5.52 13.81
CA THR B 81 -14.58 6.54 13.23
C THR B 81 -15.60 7.09 14.19
N VAL B 82 -16.27 6.18 14.94
CA VAL B 82 -17.30 6.61 15.89
C VAL B 82 -16.77 7.54 16.97
N HIS B 83 -15.47 7.42 17.29
CA HIS B 83 -14.87 8.23 18.38
C HIS B 83 -14.06 9.40 17.88
N CYS B 84 -13.29 9.21 16.82
CA CYS B 84 -12.40 10.32 16.40
C CYS B 84 -13.22 11.53 15.97
N GLN B 85 -14.38 11.32 15.35
CA GLN B 85 -15.17 12.48 14.89
C GLN B 85 -15.63 13.38 16.06
N PRO B 86 -16.36 12.85 17.07
CA PRO B 86 -16.68 13.73 18.22
C PRO B 86 -15.44 14.25 18.97
N ALA B 87 -14.39 13.45 19.05
CA ALA B 87 -13.21 13.88 19.78
C ALA B 87 -12.62 15.11 19.11
N ILE B 88 -12.52 15.07 17.77
CA ILE B 88 -11.99 16.20 17.00
C ILE B 88 -12.91 17.41 17.12
N PHE B 89 -14.22 17.19 16.98
CA PHE B 89 -15.23 18.25 17.11
C PHE B 89 -15.07 18.99 18.43
N VAL B 90 -15.06 18.22 19.53
CA VAL B 90 -14.94 18.87 20.85
C VAL B 90 -13.58 19.52 21.04
N ALA B 91 -12.50 18.83 20.71
CA ALA B 91 -11.15 19.42 20.91
C ALA B 91 -10.98 20.69 20.04
N SER B 92 -11.61 20.73 18.87
CA SER B 92 -11.49 21.93 18.04
C SER B 92 -12.24 23.08 18.68
N LEU B 93 -13.43 22.80 19.20
CA LEU B 93 -14.22 23.85 19.83
C LEU B 93 -13.64 24.28 21.15
N ALA B 94 -12.92 23.37 21.81
CA ALA B 94 -12.23 23.71 23.04
C ALA B 94 -11.02 24.57 22.69
N ALA B 95 -10.40 24.31 21.54
CA ALA B 95 -9.24 25.08 21.09
C ALA B 95 -9.63 26.52 20.75
N VAL B 96 -10.86 26.71 20.24
CA VAL B 96 -11.38 28.07 20.03
C VAL B 96 -11.44 28.79 21.39
N GLU B 97 -11.88 28.09 22.44
CA GLU B 97 -11.88 28.65 23.80
C GLU B 97 -10.46 29.02 24.25
N LYS B 98 -9.49 28.16 23.95
CA LYS B 98 -8.08 28.43 24.30
C LYS B 98 -7.55 29.66 23.56
N LEU B 99 -7.77 29.69 22.25
CA LEU B 99 -7.38 30.83 21.38
C LEU B 99 -8.04 32.14 21.79
N HIS B 100 -9.34 32.09 22.09
CA HIS B 100 -10.10 33.26 22.59
C HIS B 100 -9.53 33.90 23.88
N HIS B 101 -9.05 33.03 24.78
CA HIS B 101 -8.45 33.45 26.03
C HIS B 101 -7.09 34.09 25.76
N LEU B 102 -6.30 33.44 24.89
CA LEU B 102 -4.93 33.90 24.63
C LEU B 102 -4.89 35.14 23.72
N GLN B 103 -5.61 35.08 22.60
CA GLN B 103 -5.60 36.13 21.60
C GLN B 103 -7.03 36.57 21.25
N PRO B 104 -7.69 37.33 22.15
CA PRO B 104 -9.14 37.60 22.02
C PRO B 104 -9.58 38.23 20.69
N SER B 105 -8.77 39.15 20.18
CA SER B 105 -9.11 39.86 18.94
C SER B 105 -9.09 39.00 17.67
N VAL B 106 -8.54 37.80 17.77
CA VAL B 106 -8.51 36.87 16.64
C VAL B 106 -9.94 36.43 16.27
N ILE B 107 -10.73 36.01 17.26
CA ILE B 107 -12.12 35.56 17.05
C ILE B 107 -13.03 36.68 16.54
N GLU B 108 -12.80 37.90 17.03
CA GLU B 108 -13.54 39.09 16.59
C GLU B 108 -13.17 39.49 15.15
N ASN B 109 -11.92 39.27 14.77
CA ASN B 109 -11.42 39.66 13.44
C ASN B 109 -11.47 38.48 12.47
N CYS B 110 -12.12 37.41 12.90
CA CYS B 110 -12.26 36.26 12.02
C CYS B 110 -13.09 36.67 10.83
N VAL B 111 -12.54 36.47 9.63
CA VAL B 111 -13.26 36.77 8.40
C VAL B 111 -13.84 35.52 7.73
N ALA B 112 -13.18 34.37 7.92
CA ALA B 112 -13.55 33.13 7.25
C ALA B 112 -13.32 31.94 8.18
N ALA B 113 -14.22 30.98 8.14
CA ALA B 113 -13.94 29.66 8.76
C ALA B 113 -14.15 28.54 7.80
N ALA B 114 -13.27 27.56 7.83
CA ALA B 114 -13.49 26.39 7.03
C ALA B 114 -13.05 25.13 7.77
N GLY B 115 -13.88 24.12 7.72
CA GLY B 115 -13.53 22.81 8.29
C GLY B 115 -13.47 21.65 7.32
N PHE B 116 -12.52 20.76 7.59
CA PHE B 116 -12.28 19.65 6.70
C PHE B 116 -13.13 18.51 7.15
N SER B 117 -14.14 18.15 6.31
CA SER B 117 -15.05 17.01 6.56
C SER B 117 -15.80 17.15 7.87
N VAL B 118 -15.48 16.37 8.89
CA VAL B 118 -16.15 16.62 10.19
C VAL B 118 -15.91 18.05 10.74
N GLY B 119 -14.80 18.68 10.33
CA GLY B 119 -14.43 20.00 10.78
C GLY B 119 -15.48 21.01 10.39
N GLU B 120 -16.26 20.72 9.36
CA GLU B 120 -17.39 21.59 8.98
C GLU B 120 -18.38 21.81 10.09
N PHE B 121 -18.58 20.78 10.90
CA PHE B 121 -19.52 20.84 12.01
C PHE B 121 -19.01 21.77 13.08
N ALA B 122 -17.72 21.65 13.40
CA ALA B 122 -17.09 22.54 14.34
C ALA B 122 -17.11 23.98 13.82
N ALA B 123 -16.86 24.16 12.51
CA ALA B 123 -16.87 25.53 11.96
C ALA B 123 -18.28 26.14 12.01
N LEU B 124 -19.32 25.34 11.77
CA LEU B 124 -20.69 25.84 11.81
C LEU B 124 -21.14 26.15 13.22
N VAL B 125 -20.71 25.31 14.16
CA VAL B 125 -20.95 25.64 15.56
C VAL B 125 -20.22 26.91 15.97
N PHE B 126 -18.94 27.01 15.64
CA PHE B 126 -18.18 28.24 15.93
C PHE B 126 -18.87 29.50 15.34
N ALA B 127 -19.40 29.35 14.13
CA ALA B 127 -20.04 30.43 13.36
C ALA B 127 -21.43 30.80 13.91
N GLY B 128 -21.97 29.97 14.79
CA GLY B 128 -23.23 30.28 15.45
C GLY B 128 -24.39 29.73 14.65
N ALA B 129 -24.12 28.87 13.68
CA ALA B 129 -25.17 28.30 12.84
C ALA B 129 -25.90 27.12 13.51
N MET B 130 -25.21 26.49 14.47
CA MET B 130 -25.71 25.34 15.22
C MET B 130 -25.22 25.48 16.64
N GLU B 131 -26.04 25.05 17.60
CA GLU B 131 -25.57 24.97 18.99
C GLU B 131 -24.62 23.77 19.20
N PHE B 132 -23.78 23.87 20.22
CA PHE B 132 -22.81 22.79 20.55
C PHE B 132 -23.46 21.40 20.59
N ALA B 133 -24.51 21.23 21.39
CA ALA B 133 -25.10 19.89 21.55
C ALA B 133 -25.79 19.35 20.30
N GLU B 134 -26.45 20.23 19.54
CA GLU B 134 -27.13 19.86 18.30
C GLU B 134 -26.07 19.40 17.29
N GLY B 135 -24.98 20.16 17.22
CA GLY B 135 -23.87 19.84 16.31
C GLY B 135 -23.18 18.56 16.72
N LEU B 136 -22.99 18.38 18.03
CA LEU B 136 -22.31 17.19 18.54
C LEU B 136 -23.16 15.95 18.29
N TYR B 137 -24.47 16.08 18.51
CA TYR B 137 -25.38 15.01 18.18
C TYR B 137 -25.33 14.65 16.69
N ALA B 138 -25.38 15.66 15.82
CA ALA B 138 -25.24 15.40 14.39
C ALA B 138 -23.92 14.69 14.09
N VAL B 139 -22.83 15.12 14.74
CA VAL B 139 -21.51 14.50 14.53
C VAL B 139 -21.53 13.06 15.00
N LYS B 140 -22.17 12.82 16.15
CA LYS B 140 -22.30 11.47 16.69
C LYS B 140 -23.01 10.55 15.69
N ILE B 141 -24.18 10.99 15.19
CA ILE B 141 -24.94 10.19 14.24
C ILE B 141 -24.16 9.99 12.94
N ARG B 142 -23.60 11.08 12.43
CA ARG B 142 -22.73 11.03 11.21
C ARG B 142 -21.66 9.96 11.37
N ALA B 143 -20.92 10.02 12.50
CA ALA B 143 -19.85 9.05 12.75
C ALA B 143 -20.32 7.60 12.87
N GLU B 144 -21.41 7.38 13.60
CA GLU B 144 -21.99 6.03 13.71
C GLU B 144 -22.41 5.54 12.33
N ALA B 145 -23.02 6.43 11.55
CA ALA B 145 -23.55 6.03 10.26
C ALA B 145 -22.45 5.78 9.23
N MET B 146 -21.38 6.59 9.27
CA MET B 146 -20.19 6.36 8.43
C MET B 146 -19.49 5.02 8.78
N GLN B 147 -19.41 4.70 10.08
CA GLN B 147 -18.83 3.44 10.49
C GLN B 147 -19.63 2.27 9.94
N GLU B 148 -20.95 2.36 10.06
CA GLU B 148 -21.80 1.28 9.56
C GLU B 148 -21.68 1.11 8.04
N ALA B 149 -21.65 2.23 7.33
CA ALA B 149 -21.46 2.22 5.88
C ALA B 149 -20.11 1.63 5.50
N SER B 150 -19.10 1.88 6.33
CA SER B 150 -17.75 1.33 6.13
C SER B 150 -17.73 -0.17 6.28
N GLU B 151 -18.53 -0.67 7.22
CA GLU B 151 -18.58 -2.09 7.47
C GLU B 151 -19.33 -2.86 6.39
N ALA B 152 -20.11 -2.15 5.54
CA ALA B 152 -20.97 -2.84 4.58
C ALA B 152 -20.23 -3.52 3.42
N VAL B 153 -19.10 -2.94 2.99
CA VAL B 153 -18.25 -3.54 1.96
C VAL B 153 -16.80 -3.05 2.16
N PRO B 154 -15.79 -3.92 1.89
CA PRO B 154 -14.39 -3.44 2.07
C PRO B 154 -14.02 -2.26 1.12
N SER B 155 -13.70 -1.16 1.75
CA SER B 155 -13.35 0.03 0.99
C SER B 155 -12.31 0.82 1.74
N GLY B 156 -11.71 1.79 1.06
CA GLY B 156 -10.71 2.62 1.71
C GLY B 156 -10.42 3.85 0.88
N MET B 157 -9.33 4.50 1.27
CA MET B 157 -8.96 5.73 0.64
C MET B 157 -7.48 5.74 0.41
N LEU B 158 -7.14 6.25 -0.79
CA LEU B 158 -5.75 6.25 -1.20
C LEU B 158 -5.33 7.66 -1.49
N SER B 159 -4.34 8.14 -0.77
CA SER B 159 -3.83 9.49 -1.02
C SER B 159 -2.89 9.39 -2.24
N VAL B 160 -3.03 10.34 -3.19
CA VAL B 160 -2.26 10.29 -4.44
C VAL B 160 -1.57 11.63 -4.68
N LEU B 161 -0.25 11.58 -4.80
CA LEU B 161 0.50 12.78 -5.17
C LEU B 161 0.68 12.67 -6.70
N GLY B 162 0.04 13.57 -7.42
CA GLY B 162 0.08 13.56 -8.89
C GLY B 162 0.81 14.83 -9.35
N GLN B 163 0.52 15.23 -10.58
CA GLN B 163 1.18 16.39 -11.23
C GLN B 163 0.16 16.75 -12.33
N PRO B 164 0.40 17.83 -13.06
CA PRO B 164 -0.59 18.27 -14.05
C PRO B 164 -0.92 17.24 -15.11
N GLN B 165 0.05 16.33 -15.38
CA GLN B 165 -0.11 15.27 -16.38
C GLN B 165 -0.90 14.11 -15.86
N SER B 166 -1.20 14.13 -14.56
CA SER B 166 -1.90 12.97 -14.01
C SER B 166 -3.27 12.81 -14.60
N LYS B 167 -3.69 11.57 -14.78
CA LYS B 167 -4.96 11.25 -15.40
C LYS B 167 -5.92 10.70 -14.31
N PHE B 168 -6.42 11.61 -13.45
CA PHE B 168 -7.25 11.14 -12.31
C PHE B 168 -8.52 10.45 -12.78
N ASN B 169 -9.17 11.02 -13.78
CA ASN B 169 -10.49 10.45 -14.23
C ASN B 169 -10.33 9.14 -14.92
N PHE B 170 -9.37 9.09 -15.84
CA PHE B 170 -9.07 7.88 -16.54
C PHE B 170 -8.63 6.79 -15.55
N ALA B 171 -7.80 7.12 -14.56
CA ALA B 171 -7.37 6.16 -13.51
C ALA B 171 -8.62 5.55 -12.88
N CYS B 172 -9.56 6.39 -12.51
CA CYS B 172 -10.79 5.95 -11.79
C CYS B 172 -11.65 5.05 -12.65
N LEU B 173 -11.78 5.42 -13.91
CA LEU B 173 -12.58 4.66 -14.85
C LEU B 173 -11.90 3.30 -15.02
N GLU B 174 -10.58 3.30 -15.25
CA GLU B 174 -9.92 2.01 -15.41
C GLU B 174 -10.03 1.10 -14.19
N ALA B 175 -9.97 1.69 -12.99
CA ALA B 175 -10.07 0.96 -11.70
C ALA B 175 -11.47 0.40 -11.62
N ARG B 176 -12.48 1.20 -11.92
CA ARG B 176 -13.87 0.63 -11.97
C ARG B 176 -14.09 -0.46 -12.97
N GLU B 177 -13.55 -0.28 -14.18
CA GLU B 177 -13.67 -1.33 -15.17
C GLU B 177 -13.01 -2.60 -14.69
N HIS B 178 -11.81 -2.52 -14.15
CA HIS B 178 -11.11 -3.65 -13.55
C HIS B 178 -11.99 -4.34 -12.50
N CYS B 179 -12.72 -3.61 -11.69
CA CYS B 179 -13.53 -4.16 -10.61
C CYS B 179 -14.75 -4.86 -11.16
N LYS B 180 -15.30 -4.33 -12.25
CA LYS B 180 -16.45 -4.96 -12.85
C LYS B 180 -15.89 -6.24 -13.40
N SER B 181 -14.62 -6.19 -13.81
CA SER B 181 -14.21 -7.47 -14.54
C SER B 181 -14.06 -8.62 -13.51
N LEU B 182 -13.84 -8.26 -12.23
CA LEU B 182 -13.64 -9.05 -11.04
C LEU B 182 -14.97 -9.38 -10.32
N GLY B 183 -16.10 -8.94 -10.85
CA GLY B 183 -17.39 -9.24 -10.20
C GLY B 183 -17.96 -8.30 -9.13
N ILE B 184 -17.43 -7.09 -9.04
CA ILE B 184 -17.98 -6.06 -8.14
C ILE B 184 -19.12 -5.32 -8.84
N GLU B 185 -20.30 -5.27 -8.20
CA GLU B 185 -21.43 -4.47 -8.74
C GLU B 185 -21.25 -2.93 -8.52
N ASN B 186 -21.41 -2.14 -9.58
CA ASN B 186 -21.32 -0.65 -9.47
C ASN B 186 -20.13 -0.23 -8.66
N PRO B 187 -18.96 -0.65 -9.09
CA PRO B 187 -17.78 -0.36 -8.30
C PRO B 187 -17.64 1.14 -8.14
N VAL B 188 -17.11 1.55 -6.99
CA VAL B 188 -16.81 2.92 -6.68
C VAL B 188 -15.30 3.14 -6.70
N CYS B 189 -14.86 4.15 -7.42
CA CYS B 189 -13.45 4.62 -7.34
C CYS B 189 -13.53 6.06 -7.85
N GLU B 190 -13.36 7.03 -6.96
CA GLU B 190 -13.54 8.42 -7.34
C GLU B 190 -12.74 9.29 -6.42
N VAL B 191 -12.41 10.47 -6.90
CA VAL B 191 -11.71 11.44 -6.08
C VAL B 191 -12.69 11.80 -4.97
N SER B 192 -12.22 11.64 -3.75
CA SER B 192 -12.99 11.95 -2.54
C SER B 192 -12.49 13.21 -1.85
N ASN B 193 -11.24 13.63 -2.13
CA ASN B 193 -10.67 14.84 -1.51
C ASN B 193 -9.71 15.52 -2.46
N TYR B 194 -9.86 16.83 -2.59
CA TYR B 194 -8.88 17.66 -3.32
C TYR B 194 -8.10 18.34 -2.29
N LEU B 195 -6.83 17.98 -2.12
CA LEU B 195 -6.05 18.51 -1.00
C LEU B 195 -5.28 19.77 -1.36
N PHE B 196 -4.49 19.67 -2.42
CA PHE B 196 -3.66 20.83 -2.87
C PHE B 196 -3.33 20.50 -4.33
N PRO B 197 -2.66 21.38 -5.06
CA PRO B 197 -2.43 21.21 -6.49
C PRO B 197 -1.93 19.82 -6.84
N ASP B 198 -2.69 19.14 -7.68
CA ASP B 198 -2.33 17.84 -8.19
C ASP B 198 -2.27 16.76 -7.12
N CYS B 199 -2.77 17.02 -5.90
CA CYS B 199 -2.80 15.98 -4.87
C CYS B 199 -4.23 15.73 -4.42
N ARG B 200 -4.66 14.50 -4.63
CA ARG B 200 -6.05 14.15 -4.38
C ARG B 200 -6.11 12.80 -3.69
N VAL B 201 -7.20 12.57 -2.94
CA VAL B 201 -7.40 11.27 -2.36
C VAL B 201 -8.44 10.60 -3.26
N ILE B 202 -8.26 9.30 -3.66
CA ILE B 202 -9.17 8.51 -4.50
C ILE B 202 -9.64 7.39 -3.59
N SER B 203 -10.94 7.21 -3.59
CA SER B 203 -11.52 6.34 -2.60
C SER B 203 -12.55 5.42 -3.24
N GLY B 204 -12.79 4.29 -2.59
CA GLY B 204 -13.75 3.36 -3.17
C GLY B 204 -13.48 1.99 -2.68
N HIS B 205 -13.96 1.01 -3.47
CA HIS B 205 -13.83 -0.50 -3.24
C HIS B 205 -12.35 -0.82 -3.14
N GLN B 206 -12.02 -1.71 -2.22
CA GLN B 206 -10.59 -1.96 -1.95
C GLN B 206 -9.88 -2.44 -3.20
N GLU B 207 -10.55 -3.30 -3.97
CA GLU B 207 -10.04 -3.82 -5.26
C GLU B 207 -9.68 -2.71 -6.21
N ALA B 208 -10.40 -1.56 -6.15
CA ALA B 208 -10.10 -0.52 -7.11
C ALA B 208 -8.79 0.13 -6.70
N LEU B 209 -8.61 0.30 -5.39
CA LEU B 209 -7.39 0.95 -4.86
C LEU B 209 -6.14 0.08 -5.02
N ARG B 210 -6.31 -1.26 -4.89
CA ARG B 210 -5.25 -2.22 -5.27
C ARG B 210 -4.83 -2.13 -6.76
N PHE B 211 -5.82 -1.95 -7.62
CA PHE B 211 -5.53 -1.81 -9.04
C PHE B 211 -4.71 -0.51 -9.23
N LEU B 212 -5.12 0.54 -8.57
CA LEU B 212 -4.36 1.80 -8.68
C LEU B 212 -2.94 1.68 -8.16
N GLN B 213 -2.75 0.96 -7.04
CA GLN B 213 -1.35 0.71 -6.56
C GLN B 213 -0.52 -0.01 -7.57
N LYS B 214 -1.13 -0.94 -8.26
CA LYS B 214 -0.39 -1.76 -9.22
C LYS B 214 -0.13 -1.04 -10.57
N ASN B 215 -0.92 0.00 -10.86
CA ASN B 215 -0.96 0.65 -12.18
C ASN B 215 -0.74 2.15 -12.14
N SER B 216 -0.34 2.67 -11.00
CA SER B 216 -0.41 4.09 -10.83
C SER B 216 0.46 4.91 -11.79
N SER B 217 1.60 4.35 -12.17
CA SER B 217 2.51 5.10 -13.10
C SER B 217 1.89 5.38 -14.48
N LYS B 218 1.03 4.47 -14.91
CA LYS B 218 0.25 4.52 -16.19
C LYS B 218 -0.52 5.87 -16.26
N PHE B 219 -0.98 6.34 -15.11
CA PHE B 219 -1.86 7.51 -14.95
C PHE B 219 -1.04 8.69 -14.48
N HIS B 220 0.29 8.53 -14.49
CA HIS B 220 1.18 9.60 -14.12
C HIS B 220 0.98 10.09 -12.66
N PHE B 221 0.72 9.14 -11.77
CA PHE B 221 0.79 9.40 -10.36
C PHE B 221 2.23 9.23 -9.88
N ARG B 222 2.63 10.16 -9.01
CA ARG B 222 4.00 10.13 -8.52
C ARG B 222 4.17 9.25 -7.26
N ARG B 223 3.28 9.43 -6.28
CA ARG B 223 3.36 8.62 -5.04
C ARG B 223 1.97 8.36 -4.52
N THR B 224 1.85 7.34 -3.66
CA THR B 224 0.54 6.99 -3.14
C THR B 224 0.73 6.51 -1.70
N ARG B 225 -0.32 6.65 -0.90
CA ARG B 225 -0.33 6.10 0.46
C ARG B 225 -1.75 5.70 0.79
N MET B 226 -1.92 4.43 1.18
CA MET B 226 -3.22 3.97 1.60
C MET B 226 -3.48 4.57 2.99
N LEU B 227 -4.61 5.22 3.17
CA LEU B 227 -4.88 5.92 4.45
C LEU B 227 -5.40 4.91 5.46
N PRO B 228 -5.10 5.15 6.76
CA PRO B 228 -5.57 4.19 7.76
C PRO B 228 -6.99 4.56 8.22
N VAL B 229 -7.97 4.38 7.35
CA VAL B 229 -9.35 4.68 7.70
C VAL B 229 -10.22 3.52 7.33
N SER B 230 -11.42 3.48 7.93
CA SER B 230 -12.28 2.32 7.90
C SER B 230 -13.01 2.13 6.58
N GLY B 231 -13.11 3.16 5.75
CA GLY B 231 -14.01 3.09 4.60
C GLY B 231 -13.76 4.23 3.60
N ALA B 232 -14.51 4.20 2.50
CA ALA B 232 -14.32 5.19 1.44
C ALA B 232 -15.18 6.42 1.70
N PHE B 233 -14.70 7.27 2.60
CA PHE B 233 -15.45 8.46 2.95
C PHE B 233 -15.58 9.37 1.70
N HIS B 234 -16.63 10.19 1.68
CA HIS B 234 -16.78 11.18 0.62
C HIS B 234 -16.86 10.56 -0.75
N THR B 235 -17.55 9.43 -0.75
CA THR B 235 -17.89 8.76 -1.99
C THR B 235 -19.33 8.28 -1.84
N ARG B 236 -19.82 7.76 -2.96
CA ARG B 236 -21.10 7.09 -3.01
C ARG B 236 -21.28 5.94 -1.98
N LEU B 237 -20.16 5.35 -1.54
CA LEU B 237 -20.21 4.28 -0.51
C LEU B 237 -20.68 4.78 0.84
N MET B 238 -20.78 6.10 1.01
CA MET B 238 -21.34 6.66 2.27
C MET B 238 -22.86 6.95 2.11
N GLU B 239 -23.42 6.60 0.95
CA GLU B 239 -24.86 6.81 0.76
C GLU B 239 -25.73 6.28 1.91
N PRO B 240 -25.41 5.08 2.48
CA PRO B 240 -26.24 4.65 3.61
C PRO B 240 -26.28 5.60 4.81
N ALA B 241 -25.27 6.45 4.96
CA ALA B 241 -25.21 7.38 6.07
C ALA B 241 -26.03 8.65 5.83
N VAL B 242 -26.50 8.88 4.59
CA VAL B 242 -27.25 10.12 4.32
C VAL B 242 -28.58 10.20 5.06
N GLU B 243 -29.38 9.14 5.00
CA GLU B 243 -30.68 9.15 5.69
C GLU B 243 -30.54 9.39 7.22
N PRO B 244 -29.70 8.58 7.93
CA PRO B 244 -29.42 8.88 9.35
C PRO B 244 -28.96 10.31 9.66
N LEU B 245 -28.01 10.87 8.89
CA LEU B 245 -27.62 12.28 9.12
C LEU B 245 -28.76 13.29 8.86
N THR B 246 -29.49 13.07 7.77
CA THR B 246 -30.62 13.93 7.40
C THR B 246 -31.62 13.94 8.56
N GLN B 247 -31.96 12.75 9.06
CA GLN B 247 -32.87 12.63 10.21
C GLN B 247 -32.34 13.40 11.43
N ALA B 248 -31.06 13.21 11.73
CA ALA B 248 -30.36 13.86 12.84
C ALA B 248 -30.33 15.37 12.71
N LEU B 249 -30.27 15.88 11.47
CA LEU B 249 -30.23 17.32 11.23
C LEU B 249 -31.62 18.00 11.20
N LYS B 250 -32.65 17.26 10.84
CA LYS B 250 -33.98 17.88 10.77
C LYS B 250 -34.51 18.31 12.15
N ALA B 251 -33.90 17.78 13.21
CA ALA B 251 -34.12 18.26 14.57
C ALA B 251 -33.52 19.67 14.78
N VAL B 252 -32.37 19.91 14.14
CA VAL B 252 -31.55 21.10 14.37
C VAL B 252 -32.15 22.35 13.73
N ASP B 253 -32.13 23.46 14.47
CA ASP B 253 -32.62 24.74 13.93
C ASP B 253 -31.43 25.58 13.44
N ILE B 254 -30.94 25.26 12.24
CA ILE B 254 -29.70 25.86 11.68
C ILE B 254 -29.89 27.36 11.39
N LYS B 255 -29.16 28.20 12.13
CA LYS B 255 -29.22 29.68 12.01
C LYS B 255 -28.19 30.12 10.95
N LYS B 256 -28.28 31.37 10.45
CA LYS B 256 -27.31 31.86 9.44
C LYS B 256 -25.94 31.96 10.09
N PRO B 257 -24.87 31.50 9.39
CA PRO B 257 -23.57 31.69 10.05
C PRO B 257 -23.19 33.16 10.24
N LEU B 258 -22.63 33.49 11.41
CA LEU B 258 -22.26 34.88 11.75
C LEU B 258 -20.87 35.28 11.22
N VAL B 259 -20.21 34.32 10.58
CA VAL B 259 -18.94 34.55 9.88
C VAL B 259 -19.01 33.74 8.59
N SER B 260 -18.25 34.13 7.57
CA SER B 260 -18.21 33.36 6.33
C SER B 260 -17.69 31.93 6.57
N VAL B 261 -18.53 30.92 6.27
CA VAL B 261 -18.14 29.51 6.35
C VAL B 261 -18.16 28.91 4.96
N TYR B 262 -17.02 28.37 4.58
CA TYR B 262 -16.90 27.71 3.28
C TYR B 262 -17.18 26.21 3.27
N SER B 263 -18.14 25.82 2.45
CA SER B 263 -18.52 24.41 2.33
C SER B 263 -17.54 23.51 1.57
N ASN B 264 -17.33 22.33 2.11
CA ASN B 264 -16.52 21.37 1.43
C ASN B 264 -17.19 20.99 0.09
N VAL B 265 -18.50 21.20 -0.02
CA VAL B 265 -19.20 20.63 -1.20
C VAL B 265 -18.75 21.31 -2.48
N HIS B 266 -18.60 22.64 -2.39
CA HIS B 266 -18.27 23.41 -3.60
C HIS B 266 -17.18 24.44 -3.39
N GLY B 267 -16.60 24.50 -2.20
CA GLY B 267 -15.69 25.59 -1.90
C GLY B 267 -16.23 26.99 -1.89
N HIS B 268 -17.57 27.14 -1.84
CA HIS B 268 -18.21 28.44 -1.72
C HIS B 268 -18.81 28.59 -0.33
N ARG B 269 -19.03 29.85 0.04
CA ARG B 269 -19.66 30.26 1.35
C ARG B 269 -21.10 29.80 1.37
N TYR B 270 -21.52 29.29 2.51
CA TYR B 270 -22.92 29.01 2.79
C TYR B 270 -23.66 30.33 2.71
N ARG B 271 -24.77 30.35 1.99
CA ARG B 271 -25.55 31.60 1.93
C ARG B 271 -26.69 31.61 2.92
N HIS B 272 -27.86 31.13 2.50
CA HIS B 272 -29.03 31.09 3.39
C HIS B 272 -29.00 29.79 4.22
N PRO B 273 -29.20 29.92 5.57
CA PRO B 273 -29.20 28.78 6.52
C PRO B 273 -30.13 27.64 6.12
N GLY B 274 -31.09 27.94 5.23
CA GLY B 274 -32.08 27.00 4.75
C GLY B 274 -31.60 25.99 3.73
N HIS B 275 -30.39 26.15 3.21
CA HIS B 275 -29.85 25.12 2.33
C HIS B 275 -28.74 24.36 3.03
N ILE B 276 -28.32 24.83 4.22
CA ILE B 276 -27.20 24.22 4.97
C ILE B 276 -27.41 22.76 5.31
N HIS B 277 -28.60 22.38 5.75
CA HIS B 277 -28.82 20.97 6.08
C HIS B 277 -28.71 20.06 4.86
N LYS B 278 -29.23 20.52 3.72
CA LYS B 278 -29.12 19.78 2.48
C LYS B 278 -27.63 19.62 2.07
N LEU B 279 -26.87 20.69 2.20
CA LEU B 279 -25.45 20.68 1.84
C LEU B 279 -24.66 19.76 2.75
N LEU B 280 -25.04 19.64 4.03
CA LEU B 280 -24.29 18.76 4.93
C LEU B 280 -24.57 17.28 4.62
N ALA B 281 -25.79 17.01 4.21
CA ALA B 281 -26.16 15.67 3.75
C ALA B 281 -25.46 15.33 2.43
N GLN B 282 -25.34 16.31 1.54
CA GLN B 282 -24.59 16.10 0.31
C GLN B 282 -23.08 15.92 0.57
N GLN B 283 -22.57 16.67 1.54
CA GLN B 283 -21.14 16.65 1.86
C GLN B 283 -20.65 15.19 2.10
N LEU B 284 -21.48 14.36 2.75
CA LEU B 284 -21.12 12.98 3.10
C LEU B 284 -20.69 12.16 1.93
N VAL B 285 -21.31 12.42 0.78
CA VAL B 285 -21.08 11.56 -0.37
C VAL B 285 -20.36 12.29 -1.48
N SER B 286 -20.00 13.55 -1.24
CA SER B 286 -19.35 14.33 -2.28
C SER B 286 -17.86 14.55 -1.93
N PRO B 287 -17.00 14.77 -2.93
CA PRO B 287 -15.58 15.02 -2.58
C PRO B 287 -15.40 16.31 -1.81
N VAL B 288 -14.41 16.31 -0.92
CA VAL B 288 -14.09 17.47 -0.16
C VAL B 288 -13.27 18.43 -1.04
N LYS B 289 -13.82 19.59 -1.37
CA LYS B 289 -13.18 20.57 -2.27
C LYS B 289 -12.31 21.52 -1.44
N TRP B 290 -11.25 20.95 -0.84
CA TRP B 290 -10.42 21.73 0.07
C TRP B 290 -9.40 22.62 -0.65
N GLU B 291 -8.75 22.11 -1.69
CA GLU B 291 -7.83 22.96 -2.46
C GLU B 291 -8.63 24.17 -2.98
N GLN B 292 -9.83 23.90 -3.47
CA GLN B 292 -10.75 24.99 -3.91
C GLN B 292 -11.12 26.04 -2.84
N THR B 293 -11.35 25.59 -1.60
CA THR B 293 -11.72 26.47 -0.51
C THR B 293 -10.51 27.26 -0.22
N MET B 294 -9.34 26.65 -0.23
CA MET B 294 -8.09 27.37 0.08
C MET B 294 -7.85 28.48 -0.96
N HIS B 295 -8.07 28.15 -2.22
CA HIS B 295 -8.01 29.13 -3.30
C HIS B 295 -8.98 30.29 -3.08
N ALA B 296 -10.22 29.97 -2.76
CA ALA B 296 -11.26 30.98 -2.54
C ALA B 296 -10.91 31.88 -1.38
N ILE B 297 -10.42 31.28 -0.32
CA ILE B 297 -10.15 32.07 0.88
C ILE B 297 -8.90 32.95 0.73
N TYR B 298 -7.86 32.45 0.09
CA TYR B 298 -6.60 33.19 0.04
C TYR B 298 -6.39 33.98 -1.26
N GLU B 299 -7.21 33.76 -2.29
CA GLU B 299 -7.26 34.65 -3.47
C GLU B 299 -8.34 35.71 -3.28
N PHE B 306 -2.74 37.12 3.28
CA PHE B 306 -2.87 38.39 3.96
C PHE B 306 -3.55 38.25 5.34
N PRO B 307 -4.61 37.41 5.45
CA PRO B 307 -5.13 37.24 6.81
C PRO B 307 -4.23 36.29 7.60
N GLN B 308 -4.31 36.36 8.92
CA GLN B 308 -3.66 35.38 9.78
C GLN B 308 -4.50 34.14 9.75
N THR B 309 -3.88 32.96 9.76
CA THR B 309 -4.60 31.69 9.82
C THR B 309 -4.25 30.90 11.08
N PHE B 310 -5.27 30.26 11.65
CA PHE B 310 -5.15 29.52 12.88
C PHE B 310 -5.82 28.19 12.63
N GLU B 311 -5.05 27.15 12.87
CA GLU B 311 -5.56 25.78 12.86
C GLU B 311 -6.02 25.47 14.27
N VAL B 312 -7.34 25.39 14.42
CA VAL B 312 -7.96 25.34 15.74
C VAL B 312 -8.50 23.92 16.03
N GLY B 313 -7.66 23.12 16.66
CA GLY B 313 -7.92 21.67 16.71
C GLY B 313 -6.62 20.91 16.74
N PRO B 314 -6.72 19.60 16.82
CA PRO B 314 -5.54 18.75 16.92
C PRO B 314 -4.73 18.72 15.63
N GLY B 315 -3.40 18.75 15.79
CA GLY B 315 -2.48 18.47 14.69
C GLY B 315 -2.19 19.76 13.93
N ARG B 316 -1.38 19.63 12.88
CA ARG B 316 -1.05 20.76 12.00
C ARG B 316 -1.16 20.33 10.54
N GLN B 317 -2.05 19.37 10.26
CA GLN B 317 -2.27 18.84 8.92
C GLN B 317 -2.76 19.92 7.95
N LEU B 318 -3.58 20.87 8.43
CA LEU B 318 -4.16 21.83 7.51
C LEU B 318 -3.16 22.93 7.29
N GLY B 319 -2.23 23.10 8.22
CA GLY B 319 -1.10 23.98 7.97
C GLY B 319 -0.20 23.40 6.90
N ALA B 320 0.08 22.12 7.01
CA ALA B 320 0.91 21.48 6.00
C ALA B 320 0.26 21.64 4.61
N ILE B 321 -1.04 21.37 4.52
CA ILE B 321 -1.72 21.44 3.23
C ILE B 321 -1.68 22.91 2.75
N LEU B 322 -1.84 23.91 3.64
CA LEU B 322 -1.86 25.30 3.24
C LEU B 322 -0.52 25.77 2.64
N LYS B 323 0.59 25.32 3.20
CA LYS B 323 1.92 25.56 2.59
C LYS B 323 1.96 25.08 1.14
N SER B 324 1.30 23.95 0.86
CA SER B 324 1.31 23.35 -0.47
C SER B 324 0.39 24.14 -1.41
N CYS B 325 -0.49 24.97 -0.85
CA CYS B 325 -1.54 25.66 -1.59
C CYS B 325 -1.14 27.09 -1.85
N ASN B 326 -0.49 27.70 -0.85
CA ASN B 326 -0.20 29.11 -0.85
C ASN B 326 0.89 29.33 0.18
N MET B 327 2.14 29.29 -0.29
CA MET B 327 3.32 29.56 0.56
C MET B 327 3.27 30.87 1.37
N GLN B 328 2.91 31.98 0.72
CA GLN B 328 2.74 33.28 1.38
C GLN B 328 1.62 33.32 2.44
N ALA B 329 0.50 32.63 2.19
CA ALA B 329 -0.59 32.54 3.18
C ALA B 329 -0.07 31.86 4.44
N TRP B 330 0.72 30.82 4.21
CA TRP B 330 1.26 29.97 5.24
C TRP B 330 2.29 30.64 6.13
N LYS B 331 2.95 31.64 5.58
CA LYS B 331 3.81 32.45 6.39
C LYS B 331 2.99 33.06 7.51
N SER B 332 1.68 33.21 7.35
CA SER B 332 0.92 33.88 8.46
C SER B 332 0.10 32.81 9.22
N TYR B 333 0.57 31.56 9.18
CA TYR B 333 -0.11 30.41 9.80
C TYR B 333 0.46 30.10 11.18
N SER B 334 -0.43 29.77 12.13
CA SER B 334 -0.03 29.09 13.38
C SER B 334 -1.07 28.00 13.69
N ALA B 335 -0.71 27.08 14.58
CA ALA B 335 -1.63 26.09 15.12
C ALA B 335 -1.92 26.41 16.60
N VAL B 336 -3.12 26.05 17.05
CA VAL B 336 -3.44 26.10 18.47
C VAL B 336 -3.09 24.71 19.01
N ASP B 337 -2.13 24.65 19.95
CA ASP B 337 -1.73 23.35 20.49
C ASP B 337 -2.81 22.75 21.42
N VAL B 338 -3.19 21.51 21.19
CA VAL B 338 -4.20 20.87 22.03
C VAL B 338 -3.53 19.89 23.00
N LEU B 339 -2.22 19.77 22.86
CA LEU B 339 -1.43 18.85 23.69
C LEU B 339 -0.70 19.55 24.84
S SO4 C . 17.15 -33.72 -2.16
O1 SO4 C . 18.22 -34.40 -2.85
O2 SO4 C . 16.13 -33.26 -3.13
O3 SO4 C . 16.51 -34.52 -1.12
O4 SO4 C . 17.78 -32.59 -1.50
S SO4 D . -0.42 -10.96 -5.17
O1 SO4 D . -0.68 -12.26 -4.56
O2 SO4 D . -1.14 -10.92 -6.46
O3 SO4 D . -0.97 -9.91 -4.27
O4 SO4 D . 1.04 -10.72 -5.44
S SO4 E . 15.02 -2.64 -15.28
O1 SO4 E . 15.92 -3.49 -16.10
O2 SO4 E . 14.67 -1.43 -16.08
O3 SO4 E . 13.69 -3.30 -15.07
O4 SO4 E . 15.75 -2.27 -14.02
S SO4 F . -7.80 -20.49 -30.75
O1 SO4 F . -7.02 -20.96 -31.89
O2 SO4 F . -7.15 -19.34 -30.09
O3 SO4 F . -9.12 -20.09 -31.24
O4 SO4 F . -7.95 -21.58 -29.78
S SO4 G . 4.05 -35.82 12.76
O1 SO4 G . 4.28 -37.17 13.25
O2 SO4 G . 4.82 -35.66 11.51
O3 SO4 G . 2.63 -35.61 12.38
O4 SO4 G . 4.40 -34.89 13.80
S SO4 H . 7.90 -31.32 -27.06
O1 SO4 H . 8.95 -32.29 -27.34
O2 SO4 H . 8.03 -30.20 -27.99
O3 SO4 H . 6.58 -31.93 -27.24
O4 SO4 H . 8.03 -30.84 -25.68
C2 AE4 I . -2.47 -16.65 -18.01
C3 AE4 I . -1.29 -17.41 -18.61
O4 AE4 I . -1.00 -18.58 -17.83
C5 AE4 I . 0.17 -18.39 -17.05
C6 AE4 I . -0.06 -18.82 -15.61
O7 AE4 I . 0.38 -17.78 -14.74
C8 AE4 I . 0.94 -18.27 -13.52
C9 AE4 I . 1.77 -17.15 -12.90
C11 AE4 I . 3.50 -15.60 -13.36
O10 AE4 I . 2.68 -16.64 -13.88
C12 AE4 I . 4.94 -16.08 -13.34
O13 AE4 I . 5.58 -15.45 -12.25
C14 AE4 I . 6.65 -16.22 -11.71
C15 AE4 I . 6.31 -16.50 -10.25
O16 AE4 I . 6.41 -15.26 -9.58
C17 AE4 I . 6.05 -15.34 -8.18
C18 AE4 I . 7.26 -14.75 -7.49
O19 AE4 I . 7.10 -14.52 -6.10
C4 DXE J . 7.73 -32.36 -10.62
O2 DXE J . 8.63 -32.15 -11.71
C3 DXE J . 7.94 -32.03 -12.94
C2 DXE J . 8.68 -31.10 -13.90
O1 DXE J . 8.66 -31.72 -15.19
C1 DXE J . 9.20 -30.90 -16.22
S SO4 K . -17.99 32.46 -2.84
O1 SO4 K . -16.89 31.52 -3.15
O2 SO4 K . -19.10 32.28 -3.77
O3 SO4 K . -18.55 32.14 -1.53
O4 SO4 K . -17.53 33.83 -2.85
S SO4 L . -8.17 12.62 -17.06
O1 SO4 L . -7.99 11.24 -16.61
O2 SO4 L . -7.00 13.01 -17.86
O3 SO4 L . -9.40 12.80 -17.89
O4 SO4 L . -8.27 13.43 -15.81
CL CL M . -11.86 12.50 4.63
C1 AE3 N . -10.12 26.67 -7.61
C2 AE3 N . -8.83 26.13 -8.20
O2 AE3 N . -8.42 24.95 -7.48
C3 AE3 N . -9.16 23.80 -7.88
C4 AE3 N . -8.28 22.67 -8.40
O3 AE3 N . -9.12 21.61 -8.83
C5 AE3 N . -8.65 20.96 -10.01
C6 AE3 N . -9.76 20.81 -11.03
O4 AE3 N . -10.25 19.47 -11.04
#